data_7ZFC
#
_entry.id   7ZFC
#
_cell.length_a   105.000
_cell.length_b   105.000
_cell.length_c   234.476
_cell.angle_alpha   90.000
_cell.angle_beta   90.000
_cell.angle_gamma   120.000
#
_symmetry.space_group_name_H-M   'P 31 2 1'
#
loop_
_entity.id
_entity.type
_entity.pdbx_description
1 polymer 'Omi-31 heavy chain'
2 polymer 'Omi-31 light chain'
3 polymer 'Nanobody C1'
4 polymer 'Omi-18 heavy chain'
5 polymer 'Omi-18 light chain'
6 polymer 'Spike protein S1'
7 branched alpha-L-fucopyranose-(1-6)-2-acetamido-2-deoxy-beta-D-glucopyranose
#
loop_
_entity_poly.entity_id
_entity_poly.type
_entity_poly.pdbx_seq_one_letter_code
_entity_poly.pdbx_strand_id
1 'polypeptide(L)'
;EVQLVQSGAEVKKPGSSVKVSCKASGGTFSSYGISWVRQAPGLGLEWMGGVIPILSAKHYAQRFQGRVTITADKSTGTAY
MELSSLRSEDTAVYYCARDILHHDDLWGRFYYDGMDVWGQGTTVTVSSASTKGPSVFPLAPSSKSTSGGTAALGCLVKDY
FPEPVTVSWNSGALTSGVHTFPAVLQSSGLYSLSSVVTVPSSSLGTQTYICNVNHKPSNTKVDKRVEPKSCDK
;
H
2 'polypeptide(L)'
;QSVVTQPPSASGTPGQRVTISCSGSSSDIGSNTVNWYQQLPGTAPKLLIYTNNQRPSGVPDRFSGSKSGTSASLAITGLQ
SEDEADYFCAAWDESLNGRVFGGGTKLTVLGQPKANPTVTLFPPSSEELQANKATLVCLISDFYPGAVTVAWKADSSPVK
AGVETTTPSKQSNNKYAASSYLSLTPEQWKSHRSYSCQVTHEGSTVEKTVAPTECS
;
L
3 'polypeptide(L)'
;QVQLVESGGGLVQPGGSLRLSCAASGFTNDFYSIAWFRQAPGKEREGVSWLSVSDNTPTYVDSVKDRFTISRHNANNTVY
LQMNMLKPEDTAIYYCAAGRFAGRDTWPSSYDYWGQGTQVTVSSKHHHHHH
;
M
4 'polypeptide(L)'
;QVQLVESGGGLIQPGGSLRLSCAASGITVSSNYMTWVRQAPGKGLEWVSLLYAGGSAFYADSVKGRFTISRDNSKNTLYL
LMNSLRVGDTAVYYCARDLQVYGMDVWGQGTTVTVSSASTKGPSVFPLAPSSKSTSGGTAALGCLVKDYFPEPVTVSWNS
GALTSGVHTFPAVLQSSGLYSLSSVVTVPSSSLGTQTYICNVNHKPSNTKVDKRVEPKSCDK
;
A
5 'polypeptide(L)'
;SYELTQPPSVSVAPGQTARITCGGNNDGAKSVHWYQQKPGQAPVLVVYDDSDRPSGIPERFSGSNSGNTATLTITRIEAG
DEADYYCQVWDSSRDHVFGTGTKVTVLGQPKANPTVTLFPPSSEELQANKATLVCLISDFYPGAVTVAWKADSSPVKAGV
ETTTPSKQSNNKYAASSYLSLTPEQWKSHRSYSCQVTHEGSTVEKTVAPTECS
;
B
6 'polypeptide(L)'
;HHHHHHTNLCPFGEVFNATRFASVYAWNRKRISNCVADYSVLYNSASFSTFKCYGVSPTKLNDLCFTNVYADSFVIRGDE
VRQIAPGQTGNIADYNYKLPDDFTGCVIAWNSNNLDSKVGGNYNYLYRLFRKSNLKPFERDISTEIYQAGSTPCNGVKGF
NCYFPLQSYGFQPTYGVGYQPYRVVVLSFELLHAPATVCGKK
;
E
#
# COMPACT_ATOMS: atom_id res chain seq x y z
N GLU A 1 -18.44 18.17 18.85
CA GLU A 1 -17.19 17.42 18.93
C GLU A 1 -17.34 16.04 18.31
N VAL A 2 -16.23 15.47 17.84
CA VAL A 2 -16.25 14.16 17.19
C VAL A 2 -16.21 13.07 18.23
N GLN A 3 -16.36 11.81 17.78
CA GLN A 3 -16.35 10.67 18.68
C GLN A 3 -15.86 9.45 17.90
N LEU A 4 -15.02 8.65 18.55
CA LEU A 4 -14.46 7.43 17.96
C LEU A 4 -14.96 6.25 18.78
N VAL A 5 -15.94 5.51 18.24
CA VAL A 5 -16.47 4.34 18.94
C VAL A 5 -15.71 3.10 18.47
N GLN A 6 -15.06 2.44 19.42
CA GLN A 6 -14.33 1.21 19.14
C GLN A 6 -15.23 0.01 19.36
N SER A 7 -14.78 -1.15 18.88
CA SER A 7 -15.55 -2.38 19.06
C SER A 7 -15.51 -2.82 20.52
N GLY A 8 -16.38 -3.76 20.85
CA GLY A 8 -16.55 -4.22 22.22
C GLY A 8 -15.35 -5.01 22.71
N ALA A 9 -15.43 -5.38 23.99
CA ALA A 9 -14.35 -6.10 24.65
C ALA A 9 -14.15 -7.47 24.00
N GLU A 10 -12.94 -8.00 24.16
CA GLU A 10 -12.54 -9.26 23.54
C GLU A 10 -11.83 -10.13 24.55
N VAL A 11 -12.09 -11.44 24.48
CA VAL A 11 -11.37 -12.44 25.25
C VAL A 11 -10.84 -13.48 24.28
N LYS A 12 -9.53 -13.74 24.34
CA LYS A 12 -8.89 -14.62 23.37
C LYS A 12 -7.96 -15.58 24.10
N LYS A 13 -7.63 -16.68 23.41
CA LYS A 13 -6.69 -17.73 23.80
C LYS A 13 -5.33 -17.45 23.20
N PRO A 14 -4.25 -17.70 23.95
CA PRO A 14 -2.90 -17.51 23.40
C PRO A 14 -2.72 -18.22 22.07
N GLY A 15 -2.12 -17.50 21.12
CA GLY A 15 -1.91 -17.99 19.77
C GLY A 15 -2.90 -17.46 18.76
N SER A 16 -4.10 -17.10 19.20
CA SER A 16 -5.12 -16.59 18.29
C SER A 16 -4.80 -15.15 17.88
N SER A 17 -5.80 -14.44 17.37
CA SER A 17 -5.63 -13.06 16.94
C SER A 17 -6.89 -12.29 17.26
N VAL A 18 -6.73 -10.97 17.40
CA VAL A 18 -7.84 -10.06 17.68
C VAL A 18 -7.75 -8.90 16.70
N LYS A 19 -8.92 -8.37 16.32
CA LYS A 19 -9.00 -7.23 15.41
C LYS A 19 -9.99 -6.24 16.00
N VAL A 20 -9.49 -5.06 16.37
CA VAL A 20 -10.30 -4.01 16.98
C VAL A 20 -10.62 -2.96 15.93
N SER A 21 -11.86 -2.48 15.94
CA SER A 21 -12.31 -1.43 15.04
C SER A 21 -12.35 -0.10 15.77
N CYS A 22 -12.46 0.98 14.98
CA CYS A 22 -12.54 2.33 15.55
C CYS A 22 -13.20 3.23 14.52
N LYS A 23 -14.49 3.49 14.70
CA LYS A 23 -15.23 4.35 13.80
C LYS A 23 -14.74 5.78 13.90
N ALA A 24 -14.62 6.44 12.74
CA ALA A 24 -14.19 7.83 12.69
C ALA A 24 -15.41 8.72 12.77
N SER A 25 -15.28 10.00 12.39
CA SER A 25 -16.37 10.96 12.50
C SER A 25 -16.33 11.86 11.27
N GLY A 26 -17.20 11.59 10.31
CA GLY A 26 -17.27 12.42 9.12
C GLY A 26 -15.95 12.43 8.37
N GLY A 27 -15.47 13.63 8.05
CA GLY A 27 -14.21 13.78 7.37
C GLY A 27 -13.04 13.93 8.33
N THR A 28 -12.96 13.03 9.31
CA THR A 28 -11.86 13.09 10.27
C THR A 28 -10.52 12.89 9.58
N PHE A 29 -10.47 11.99 8.59
CA PHE A 29 -9.20 11.62 7.97
C PHE A 29 -8.49 12.83 7.38
N SER A 30 -9.23 13.86 7.00
CA SER A 30 -8.63 15.06 6.41
C SER A 30 -7.80 15.80 7.47
N SER A 31 -6.47 15.73 7.33
CA SER A 31 -5.55 16.45 8.21
C SER A 31 -5.67 15.99 9.66
N TYR A 32 -5.74 14.67 9.86
CA TYR A 32 -5.77 14.10 11.20
C TYR A 32 -5.26 12.67 11.13
N GLY A 33 -4.19 12.39 11.88
CA GLY A 33 -3.71 11.03 12.00
C GLY A 33 -4.47 10.25 13.05
N ILE A 34 -4.17 8.95 13.13
CA ILE A 34 -4.81 8.06 14.09
C ILE A 34 -3.75 7.13 14.67
N SER A 35 -3.70 7.04 16.00
CA SER A 35 -2.76 6.19 16.70
C SER A 35 -3.51 5.11 17.48
N TRP A 36 -2.82 4.00 17.72
CA TRP A 36 -3.35 2.90 18.51
C TRP A 36 -2.45 2.74 19.74
N VAL A 37 -3.02 2.99 20.92
CA VAL A 37 -2.28 2.97 22.18
C VAL A 37 -2.99 1.99 23.12
N ARG A 38 -2.22 1.08 23.71
CA ARG A 38 -2.74 0.14 24.68
C ARG A 38 -2.19 0.44 26.07
N GLN A 39 -2.92 0.00 27.09
CA GLN A 39 -2.54 0.23 28.48
C GLN A 39 -2.86 -1.02 29.28
N ALA A 40 -1.82 -1.73 29.71
CA ALA A 40 -1.99 -2.90 30.54
C ALA A 40 -2.56 -2.50 31.90
N PRO A 41 -3.19 -3.43 32.61
CA PRO A 41 -3.75 -3.11 33.94
C PRO A 41 -2.69 -2.58 34.88
N GLY A 42 -2.94 -1.39 35.43
CA GLY A 42 -2.02 -0.74 36.34
C GLY A 42 -0.73 -0.25 35.72
N LEU A 43 -0.55 -0.37 34.42
CA LEU A 43 0.66 0.04 33.73
C LEU A 43 0.41 1.33 32.97
N GLY A 44 1.45 1.81 32.29
CA GLY A 44 1.38 3.05 31.53
C GLY A 44 0.86 2.82 30.12
N LEU A 45 0.90 3.90 29.34
CA LEU A 45 0.47 3.84 27.96
C LEU A 45 1.60 3.33 27.07
N GLU A 46 1.23 2.68 25.98
CA GLU A 46 2.19 2.12 25.04
C GLU A 46 1.67 2.32 23.63
N TRP A 47 2.34 3.18 22.87
CA TRP A 47 2.02 3.36 21.45
C TRP A 47 2.30 2.06 20.71
N MET A 48 1.36 1.64 19.88
CA MET A 48 1.50 0.43 19.08
C MET A 48 1.76 0.73 17.61
N GLY A 49 1.09 1.74 17.07
CA GLY A 49 1.23 2.08 15.67
C GLY A 49 0.20 3.13 15.30
N GLY A 50 0.30 3.59 14.05
CA GLY A 50 -0.59 4.62 13.60
C GLY A 50 -0.79 4.59 12.10
N VAL A 51 -1.40 5.66 11.59
CA VAL A 51 -1.72 5.77 10.17
C VAL A 51 -2.00 7.24 9.87
N ILE A 52 -1.70 7.65 8.65
CA ILE A 52 -2.05 8.99 8.17
C ILE A 52 -2.76 8.84 6.83
N PRO A 53 -4.05 9.17 6.75
CA PRO A 53 -4.78 8.93 5.49
C PRO A 53 -4.42 9.90 4.39
N ILE A 54 -4.19 11.17 4.71
CA ILE A 54 -3.93 12.18 3.68
C ILE A 54 -2.62 11.89 2.97
N LEU A 55 -1.62 11.40 3.69
CA LEU A 55 -0.36 10.98 3.08
C LEU A 55 -0.36 9.52 2.69
N SER A 56 -1.45 8.80 2.96
CA SER A 56 -1.53 7.35 2.75
C SER A 56 -0.32 6.64 3.34
N ALA A 57 -0.16 6.82 4.65
CA ALA A 57 1.04 6.44 5.36
C ALA A 57 0.69 5.81 6.70
N LYS A 58 1.63 5.01 7.23
CA LYS A 58 1.44 4.35 8.51
C LYS A 58 2.80 3.88 9.03
N HIS A 59 2.92 3.81 10.35
CA HIS A 59 4.15 3.38 11.01
C HIS A 59 3.79 2.49 12.19
N TYR A 60 4.81 1.87 12.78
CA TYR A 60 4.62 0.95 13.89
C TYR A 60 5.69 1.17 14.95
N ALA A 61 5.36 0.74 16.17
CA ALA A 61 6.28 0.83 17.30
C ALA A 61 7.13 -0.43 17.38
N GLN A 62 8.42 -0.25 17.66
CA GLN A 62 9.41 -1.32 17.67
C GLN A 62 8.91 -2.59 18.35
N ARG A 63 8.25 -2.46 19.50
CA ARG A 63 7.82 -3.62 20.27
C ARG A 63 6.88 -4.53 19.46
N PHE A 64 5.95 -3.92 18.74
CA PHE A 64 4.91 -4.67 18.02
C PHE A 64 5.22 -4.83 16.54
N GLN A 65 6.45 -4.52 16.12
CA GLN A 65 6.83 -4.66 14.72
C GLN A 65 6.94 -6.14 14.36
N GLY A 66 6.06 -6.61 13.48
CA GLY A 66 6.07 -7.98 13.03
C GLY A 66 4.90 -8.82 13.48
N ARG A 67 3.97 -8.26 14.25
CA ARG A 67 2.83 -9.01 14.76
C ARG A 67 1.60 -8.12 14.84
N VAL A 68 1.51 -7.12 13.97
CA VAL A 68 0.43 -6.14 14.02
C VAL A 68 0.07 -5.72 12.61
N THR A 69 -1.18 -5.31 12.42
CA THR A 69 -1.67 -4.81 11.14
C THR A 69 -2.65 -3.69 11.40
N ILE A 70 -2.43 -2.54 10.76
CA ILE A 70 -3.29 -1.37 10.92
C ILE A 70 -3.78 -0.96 9.53
N THR A 71 -5.08 -1.05 9.32
CA THR A 71 -5.71 -0.72 8.04
C THR A 71 -6.62 0.48 8.19
N ALA A 72 -6.95 1.10 7.07
CA ALA A 72 -7.82 2.28 7.06
C ALA A 72 -8.65 2.24 5.77
N ASP A 73 -9.91 1.82 5.90
CA ASP A 73 -10.85 1.86 4.78
C ASP A 73 -11.43 3.26 4.69
N LYS A 74 -11.00 4.04 3.71
CA LYS A 74 -11.45 5.42 3.59
C LYS A 74 -12.86 5.52 3.04
N SER A 75 -13.38 4.49 2.38
CA SER A 75 -14.78 4.49 1.98
C SER A 75 -15.69 4.48 3.19
N THR A 76 -15.42 3.57 4.13
CA THR A 76 -16.12 3.58 5.42
C THR A 76 -15.59 4.66 6.36
N GLY A 77 -14.39 5.17 6.11
CA GLY A 77 -13.78 6.12 7.01
C GLY A 77 -13.60 5.55 8.40
N THR A 78 -12.74 4.54 8.54
CA THR A 78 -12.50 3.91 9.82
C THR A 78 -11.19 3.15 9.75
N ALA A 79 -10.63 2.88 10.93
CA ALA A 79 -9.35 2.19 11.05
C ALA A 79 -9.52 0.89 11.80
N TYR A 80 -8.59 -0.03 11.59
CA TYR A 80 -8.57 -1.32 12.26
C TYR A 80 -7.16 -1.59 12.78
N MET A 81 -7.09 -2.45 13.79
CA MET A 81 -5.81 -2.87 14.37
C MET A 81 -5.93 -4.34 14.73
N GLU A 82 -5.11 -5.18 14.09
CA GLU A 82 -5.15 -6.62 14.30
C GLU A 82 -3.82 -7.08 14.87
N LEU A 83 -3.87 -7.67 16.06
CA LEU A 83 -2.70 -8.21 16.75
C LEU A 83 -2.81 -9.72 16.78
N SER A 84 -1.81 -10.40 16.24
CA SER A 84 -1.82 -11.84 16.11
C SER A 84 -0.76 -12.47 17.02
N SER A 85 -0.86 -13.79 17.17
CA SER A 85 0.01 -14.56 18.07
C SER A 85 -0.01 -13.98 19.47
N LEU A 86 -1.22 -13.84 20.01
CA LEU A 86 -1.42 -13.15 21.28
C LEU A 86 -0.81 -13.92 22.43
N ARG A 87 -0.29 -13.18 23.40
CA ARG A 87 0.25 -13.73 24.64
C ARG A 87 -0.49 -13.13 25.82
N SER A 88 -0.28 -13.73 27.00
CA SER A 88 -0.96 -13.26 28.21
C SER A 88 -0.59 -11.81 28.52
N GLU A 89 0.63 -11.39 28.18
CA GLU A 89 1.05 -10.01 28.40
C GLU A 89 0.35 -9.02 27.50
N ASP A 90 -0.32 -9.48 26.45
CA ASP A 90 -1.08 -8.59 25.57
C ASP A 90 -2.43 -8.19 26.18
N THR A 91 -2.76 -8.68 27.37
CA THR A 91 -3.99 -8.28 28.04
C THR A 91 -3.90 -6.80 28.43
N ALA A 92 -4.74 -5.99 27.81
CA ALA A 92 -4.71 -4.54 28.05
C ALA A 92 -5.99 -3.94 27.48
N VAL A 93 -6.18 -2.66 27.76
CA VAL A 93 -7.23 -1.88 27.11
C VAL A 93 -6.62 -1.18 25.91
N TYR A 94 -7.18 -1.42 24.74
CA TYR A 94 -6.63 -0.90 23.49
C TYR A 94 -7.41 0.33 23.07
N TYR A 95 -6.71 1.45 22.93
CA TYR A 95 -7.32 2.74 22.65
C TYR A 95 -7.06 3.17 21.22
N CYS A 96 -7.98 3.98 20.71
CA CYS A 96 -7.87 4.58 19.38
C CYS A 96 -8.14 6.07 19.53
N ALA A 97 -7.29 6.90 18.94
CA ALA A 97 -7.42 8.33 19.09
C ALA A 97 -6.97 9.01 17.80
N ARG A 98 -7.55 10.18 17.53
CA ARG A 98 -7.12 11.01 16.42
C ARG A 98 -5.94 11.87 16.88
N ASP A 99 -4.89 11.93 16.06
CA ASP A 99 -3.69 12.69 16.39
C ASP A 99 -3.62 13.93 15.50
N ILE A 100 -3.43 15.08 16.13
CA ILE A 100 -3.17 16.30 15.37
C ILE A 100 -1.73 16.28 14.89
N LEU A 101 -1.54 16.54 13.59
CA LEU A 101 -0.25 16.36 12.95
C LEU A 101 0.60 17.62 13.06
N HIS A 102 1.89 17.43 13.29
CA HIS A 102 2.89 18.49 13.29
C HIS A 102 3.74 18.39 12.03
N HIS A 103 4.13 19.53 11.51
CA HIS A 103 4.96 19.61 10.30
C HIS A 103 6.33 20.17 10.71
N ASP A 104 7.31 19.27 10.83
CA ASP A 104 8.70 19.68 11.01
C ASP A 104 9.29 19.86 9.63
N ASP A 105 9.29 21.12 9.14
CA ASP A 105 9.78 21.39 7.80
C ASP A 105 11.30 21.36 7.70
N LEU A 106 11.99 21.46 8.83
CA LEU A 106 13.45 21.42 8.81
C LEU A 106 13.96 20.10 8.25
N TRP A 107 13.32 18.99 8.63
CA TRP A 107 13.72 17.66 8.16
C TRP A 107 12.71 17.06 7.18
N GLY A 108 11.63 17.75 6.88
CA GLY A 108 10.65 17.26 5.94
C GLY A 108 9.94 16.01 6.40
N ARG A 109 9.41 16.05 7.63
CA ARG A 109 8.73 14.90 8.22
C ARG A 109 7.35 15.32 8.69
N PHE A 110 6.53 14.32 8.99
CA PHE A 110 5.14 14.51 9.42
C PHE A 110 4.82 13.41 10.43
N TYR A 111 4.86 13.77 11.72
CA TYR A 111 4.54 12.81 12.77
C TYR A 111 3.40 13.34 13.63
N TYR A 112 2.89 12.46 14.48
CA TYR A 112 1.79 12.80 15.38
C TYR A 112 2.28 13.74 16.47
N ASP A 113 1.46 14.73 16.80
CA ASP A 113 1.81 15.76 17.78
C ASP A 113 0.68 15.92 18.79
N GLY A 114 0.40 14.84 19.52
CA GLY A 114 -0.69 14.88 20.48
C GLY A 114 -1.98 14.34 19.89
N MET A 115 -2.77 13.66 20.72
CA MET A 115 -4.05 13.10 20.30
C MET A 115 -5.14 13.70 21.19
N ASP A 116 -5.91 14.61 20.63
CA ASP A 116 -6.92 15.32 21.42
C ASP A 116 -8.14 14.44 21.69
N VAL A 117 -8.84 14.02 20.64
CA VAL A 117 -10.04 13.21 20.80
C VAL A 117 -9.64 11.75 20.93
N TRP A 118 -10.11 11.10 21.99
CA TRP A 118 -9.81 9.72 22.28
C TRP A 118 -11.03 8.84 22.06
N GLY A 119 -10.79 7.58 21.75
CA GLY A 119 -11.83 6.57 21.79
C GLY A 119 -12.10 6.13 23.21
N GLN A 120 -13.07 5.24 23.36
CA GLN A 120 -13.43 4.75 24.67
C GLN A 120 -12.61 3.54 25.11
N GLY A 121 -11.74 3.02 24.23
CA GLY A 121 -10.90 1.90 24.57
C GLY A 121 -11.57 0.56 24.42
N THR A 122 -10.78 -0.48 24.15
CA THR A 122 -11.28 -1.83 23.96
C THR A 122 -10.49 -2.77 24.86
N THR A 123 -11.18 -3.42 25.79
CA THR A 123 -10.55 -4.36 26.71
C THR A 123 -10.35 -5.69 26.00
N VAL A 124 -9.12 -6.18 25.96
CA VAL A 124 -8.78 -7.45 25.33
C VAL A 124 -8.10 -8.32 26.39
N THR A 125 -8.66 -9.50 26.63
CA THR A 125 -8.15 -10.44 27.62
C THR A 125 -7.58 -11.65 26.91
N VAL A 126 -6.38 -12.06 27.31
CA VAL A 126 -5.72 -13.24 26.76
C VAL A 126 -5.38 -14.18 27.90
N SER A 127 -5.98 -15.37 27.90
CA SER A 127 -5.74 -16.37 28.92
C SER A 127 -5.89 -17.75 28.30
N SER A 128 -5.02 -18.67 28.71
CA SER A 128 -5.04 -20.02 28.14
C SER A 128 -6.30 -20.77 28.55
N ALA A 129 -6.84 -20.49 29.73
CA ALA A 129 -8.06 -21.14 30.18
C ALA A 129 -9.25 -20.69 29.35
N SER A 130 -10.33 -21.45 29.44
CA SER A 130 -11.58 -21.14 28.75
C SER A 130 -12.67 -20.85 29.77
N THR A 131 -13.91 -20.82 29.29
CA THR A 131 -15.04 -20.36 30.10
C THR A 131 -15.33 -21.34 31.23
N LYS A 132 -15.82 -20.79 32.35
CA LYS A 132 -16.25 -21.60 33.48
C LYS A 132 -17.14 -20.75 34.38
N GLY A 133 -18.26 -21.33 34.81
CA GLY A 133 -19.13 -20.66 35.75
C GLY A 133 -18.59 -20.70 37.16
N PRO A 134 -18.92 -19.71 37.97
CA PRO A 134 -18.35 -19.61 39.31
C PRO A 134 -19.03 -20.55 40.30
N SER A 135 -18.28 -20.88 41.34
CA SER A 135 -18.80 -21.60 42.50
C SER A 135 -19.05 -20.58 43.60
N VAL A 136 -20.32 -20.37 43.93
CA VAL A 136 -20.73 -19.33 44.88
C VAL A 136 -20.95 -19.98 46.23
N PHE A 137 -20.25 -19.48 47.25
CA PHE A 137 -20.38 -19.93 48.62
C PHE A 137 -20.82 -18.78 49.52
N PRO A 138 -21.59 -19.08 50.57
CA PRO A 138 -22.02 -18.02 51.49
C PRO A 138 -20.98 -17.73 52.56
N LEU A 139 -20.85 -16.45 52.91
CA LEU A 139 -19.99 -15.99 53.99
C LEU A 139 -20.91 -15.60 55.14
N ALA A 140 -21.13 -16.54 56.05
CA ALA A 140 -22.16 -16.37 57.07
C ALA A 140 -21.70 -15.39 58.16
N PRO A 141 -22.64 -14.69 58.77
CA PRO A 141 -22.31 -13.83 59.91
C PRO A 141 -22.31 -14.59 61.23
N SER A 142 -21.42 -14.17 62.12
CA SER A 142 -21.28 -14.78 63.43
C SER A 142 -20.97 -13.68 64.45
N SER A 143 -20.53 -14.10 65.63
CA SER A 143 -20.09 -13.13 66.64
C SER A 143 -18.73 -12.53 66.30
N LYS A 144 -17.98 -13.15 65.39
CA LYS A 144 -16.67 -12.65 65.03
C LYS A 144 -16.69 -11.65 63.88
N SER A 145 -17.76 -11.63 63.09
CA SER A 145 -17.97 -10.60 62.08
C SER A 145 -18.97 -9.55 62.54
N THR A 146 -19.31 -9.54 63.83
CA THR A 146 -20.26 -8.61 64.40
C THR A 146 -19.50 -7.57 65.23
N SER A 147 -19.85 -6.29 65.04
CA SER A 147 -19.21 -5.22 65.78
C SER A 147 -20.23 -4.11 66.01
N GLY A 148 -20.57 -3.87 67.27
CA GLY A 148 -21.46 -2.77 67.60
C GLY A 148 -22.89 -2.96 67.13
N GLY A 149 -23.38 -4.19 67.20
CA GLY A 149 -24.75 -4.48 66.80
C GLY A 149 -24.97 -4.60 65.31
N THR A 150 -23.92 -4.50 64.49
CA THR A 150 -24.03 -4.65 63.05
C THR A 150 -23.24 -5.88 62.61
N ALA A 151 -23.83 -6.66 61.71
CA ALA A 151 -23.25 -7.91 61.25
C ALA A 151 -22.82 -7.78 59.79
N ALA A 152 -21.72 -8.46 59.46
CA ALA A 152 -21.16 -8.46 58.12
C ALA A 152 -21.29 -9.86 57.52
N LEU A 153 -22.04 -9.97 56.44
CA LEU A 153 -22.22 -11.23 55.72
C LEU A 153 -21.98 -11.00 54.24
N GLY A 154 -21.51 -12.03 53.56
CA GLY A 154 -21.20 -11.90 52.14
C GLY A 154 -21.27 -13.18 51.32
N CYS A 155 -20.76 -13.11 50.09
CA CYS A 155 -20.73 -14.26 49.20
C CYS A 155 -19.37 -14.34 48.52
N LEU A 156 -18.85 -15.56 48.42
CA LEU A 156 -17.59 -15.82 47.73
C LEU A 156 -17.88 -16.35 46.34
N VAL A 157 -17.50 -15.59 45.33
CA VAL A 157 -17.67 -15.96 43.93
C VAL A 157 -16.32 -16.47 43.45
N LYS A 158 -16.13 -17.79 43.47
CA LYS A 158 -14.81 -18.39 43.31
C LYS A 158 -14.71 -19.15 42.00
N ASP A 159 -13.53 -19.06 41.36
CA ASP A 159 -13.17 -19.86 40.20
C ASP A 159 -14.14 -19.67 39.05
N TYR A 160 -14.05 -18.51 38.39
CA TYR A 160 -14.83 -18.26 37.19
C TYR A 160 -13.92 -17.64 36.13
N PHE A 161 -14.39 -17.68 34.88
CA PHE A 161 -13.71 -17.06 33.76
C PHE A 161 -14.66 -16.95 32.58
N PRO A 162 -14.64 -15.82 31.84
CA PRO A 162 -13.83 -14.64 32.15
C PRO A 162 -14.63 -13.55 32.84
N GLU A 163 -14.00 -12.37 33.00
CA GLU A 163 -14.72 -11.21 33.49
C GLU A 163 -15.83 -10.84 32.51
N PRO A 164 -16.89 -10.16 32.98
CA PRO A 164 -17.13 -9.75 34.36
C PRO A 164 -18.17 -10.60 35.09
N VAL A 165 -18.28 -10.38 36.40
CA VAL A 165 -19.34 -10.95 37.23
C VAL A 165 -19.99 -9.82 38.01
N THR A 166 -21.32 -9.76 37.95
CA THR A 166 -22.09 -8.76 38.68
C THR A 166 -22.81 -9.42 39.84
N VAL A 167 -22.81 -8.74 40.99
CA VAL A 167 -23.42 -9.25 42.21
C VAL A 167 -24.39 -8.22 42.75
N SER A 168 -25.61 -8.65 43.07
CA SER A 168 -26.58 -7.84 43.78
C SER A 168 -27.09 -8.63 44.97
N TRP A 169 -27.87 -7.97 45.82
CA TRP A 169 -28.38 -8.59 47.05
C TRP A 169 -29.89 -8.41 47.12
N ASN A 170 -30.60 -9.52 47.35
CA ASN A 170 -32.06 -9.52 47.46
C ASN A 170 -32.71 -8.94 46.22
N SER A 171 -32.19 -9.31 45.05
CA SER A 171 -32.73 -8.87 43.76
C SER A 171 -32.71 -7.35 43.61
N GLY A 172 -31.73 -6.70 44.23
CA GLY A 172 -31.58 -5.26 44.13
C GLY A 172 -32.25 -4.46 45.23
N ALA A 173 -33.10 -5.09 46.05
CA ALA A 173 -33.79 -4.37 47.11
C ALA A 173 -32.83 -3.87 48.19
N LEU A 174 -31.67 -4.51 48.34
CA LEU A 174 -30.67 -4.11 49.31
C LEU A 174 -29.46 -3.55 48.58
N THR A 175 -29.18 -2.27 48.79
CA THR A 175 -28.05 -1.59 48.16
C THR A 175 -27.08 -0.95 49.14
N SER A 176 -27.58 -0.40 50.24
CA SER A 176 -26.71 0.24 51.22
C SER A 176 -25.96 -0.81 52.02
N GLY A 177 -24.70 -0.51 52.35
CA GLY A 177 -23.84 -1.43 53.06
C GLY A 177 -23.18 -2.48 52.19
N VAL A 178 -23.58 -2.61 50.93
CA VAL A 178 -23.01 -3.61 50.04
C VAL A 178 -21.64 -3.12 49.55
N HIS A 179 -20.66 -4.02 49.56
CA HIS A 179 -19.32 -3.70 49.07
C HIS A 179 -18.83 -4.89 48.26
N THR A 180 -18.93 -4.77 46.93
CA THR A 180 -18.46 -5.81 46.01
C THR A 180 -17.03 -5.49 45.61
N PHE A 181 -16.11 -6.40 45.92
CA PHE A 181 -14.70 -6.18 45.69
C PHE A 181 -14.29 -6.62 44.29
N PRO A 182 -13.33 -5.92 43.69
CA PRO A 182 -12.80 -6.36 42.39
C PRO A 182 -12.19 -7.76 42.52
N ALA A 183 -12.31 -8.52 41.44
CA ALA A 183 -11.87 -9.91 41.46
C ALA A 183 -10.35 -10.02 41.45
N VAL A 184 -9.85 -11.11 42.01
CA VAL A 184 -8.43 -11.44 41.97
C VAL A 184 -8.21 -12.44 40.84
N LEU A 185 -7.07 -12.32 40.17
CA LEU A 185 -6.69 -13.24 39.10
C LEU A 185 -5.71 -14.25 39.67
N GLN A 186 -6.19 -15.47 39.91
CA GLN A 186 -5.34 -16.50 40.48
C GLN A 186 -4.31 -16.98 39.46
N SER A 187 -3.30 -17.70 39.96
CA SER A 187 -2.29 -18.25 39.07
C SER A 187 -2.87 -19.28 38.11
N SER A 188 -4.03 -19.85 38.43
CA SER A 188 -4.68 -20.82 37.55
C SER A 188 -5.36 -20.16 36.36
N GLY A 189 -5.40 -18.83 36.29
CA GLY A 189 -6.07 -18.13 35.22
C GLY A 189 -7.54 -17.84 35.48
N LEU A 190 -8.12 -18.39 36.55
CA LEU A 190 -9.50 -18.14 36.90
C LEU A 190 -9.61 -16.94 37.83
N TYR A 191 -10.79 -16.34 37.85
CA TYR A 191 -11.07 -15.19 38.68
C TYR A 191 -11.87 -15.59 39.92
N SER A 192 -11.80 -14.74 40.94
CA SER A 192 -12.56 -14.94 42.16
C SER A 192 -12.76 -13.59 42.83
N LEU A 193 -14.00 -13.28 43.20
CA LEU A 193 -14.33 -12.05 43.89
C LEU A 193 -15.21 -12.35 45.09
N SER A 194 -15.49 -11.32 45.88
CA SER A 194 -16.36 -11.43 47.04
C SER A 194 -17.22 -10.17 47.12
N SER A 195 -18.41 -10.33 47.69
CA SER A 195 -19.34 -9.22 47.86
C SER A 195 -19.94 -9.33 49.26
N VAL A 196 -19.74 -8.30 50.07
CA VAL A 196 -20.16 -8.30 51.47
C VAL A 196 -21.13 -7.16 51.70
N VAL A 197 -22.00 -7.33 52.70
CA VAL A 197 -22.97 -6.31 53.09
C VAL A 197 -23.06 -6.29 54.60
N THR A 198 -23.11 -5.08 55.16
CA THR A 198 -23.26 -4.89 56.61
C THR A 198 -24.70 -4.56 56.92
N VAL A 199 -25.30 -5.31 57.85
CA VAL A 199 -26.70 -5.16 58.19
C VAL A 199 -26.83 -5.14 59.71
N PRO A 200 -27.94 -4.61 60.24
CA PRO A 200 -28.18 -4.71 61.68
C PRO A 200 -28.29 -6.16 62.12
N SER A 201 -27.63 -6.47 63.24
CA SER A 201 -27.66 -7.84 63.76
C SER A 201 -29.06 -8.26 64.21
N SER A 202 -29.91 -7.30 64.57
CA SER A 202 -31.29 -7.62 64.94
C SER A 202 -32.13 -8.07 63.77
N SER A 203 -31.65 -7.88 62.53
CA SER A 203 -32.40 -8.26 61.34
C SER A 203 -32.03 -9.64 60.82
N LEU A 204 -31.17 -10.38 61.52
CA LEU A 204 -30.76 -11.69 61.04
C LEU A 204 -31.90 -12.70 61.15
N GLY A 205 -32.70 -12.60 62.20
CA GLY A 205 -33.86 -13.46 62.37
C GLY A 205 -35.13 -12.94 61.74
N THR A 206 -35.07 -11.84 61.00
CA THR A 206 -36.25 -11.24 60.39
C THR A 206 -36.14 -11.06 58.88
N GLN A 207 -34.94 -10.88 58.34
CA GLN A 207 -34.74 -10.64 56.92
C GLN A 207 -33.83 -11.71 56.33
N THR A 208 -34.21 -12.20 55.15
CA THR A 208 -33.39 -13.17 54.42
C THR A 208 -32.50 -12.45 53.42
N TYR A 209 -31.23 -12.84 53.37
CA TYR A 209 -30.25 -12.19 52.51
C TYR A 209 -29.77 -13.17 51.45
N ILE A 210 -29.96 -12.81 50.19
CA ILE A 210 -29.59 -13.63 49.05
C ILE A 210 -28.74 -12.78 48.11
N CYS A 211 -27.58 -13.30 47.73
CA CYS A 211 -26.71 -12.64 46.77
C CYS A 211 -26.99 -13.18 45.37
N ASN A 212 -27.13 -12.27 44.40
CA ASN A 212 -27.47 -12.63 43.03
C ASN A 212 -26.20 -12.51 42.18
N VAL A 213 -25.55 -13.64 41.92
CA VAL A 213 -24.33 -13.67 41.13
C VAL A 213 -24.71 -13.96 39.68
N ASN A 214 -24.22 -13.12 38.76
CA ASN A 214 -24.50 -13.27 37.34
C ASN A 214 -23.18 -13.32 36.58
N HIS A 215 -22.92 -14.46 35.94
CA HIS A 215 -21.77 -14.64 35.07
C HIS A 215 -22.32 -14.90 33.67
N LYS A 216 -22.59 -13.82 32.93
CA LYS A 216 -23.15 -13.95 31.60
C LYS A 216 -22.28 -14.73 30.63
N PRO A 217 -20.94 -14.63 30.64
CA PRO A 217 -20.15 -15.45 29.71
C PRO A 217 -20.46 -16.94 29.77
N SER A 218 -20.78 -17.47 30.95
CA SER A 218 -21.15 -18.87 31.10
C SER A 218 -22.66 -19.08 31.13
N ASN A 219 -23.44 -18.01 31.00
CA ASN A 219 -24.90 -18.07 31.08
C ASN A 219 -25.34 -18.72 32.39
N THR A 220 -24.72 -18.29 33.48
CA THR A 220 -24.96 -18.87 34.80
C THR A 220 -25.37 -17.77 35.77
N LYS A 221 -26.52 -17.96 36.41
CA LYS A 221 -26.97 -17.12 37.51
C LYS A 221 -27.11 -17.99 38.76
N VAL A 222 -26.60 -17.48 39.88
CA VAL A 222 -26.64 -18.19 41.15
C VAL A 222 -27.23 -17.28 42.21
N ASP A 223 -28.28 -17.74 42.87
CA ASP A 223 -28.90 -17.04 43.99
C ASP A 223 -28.59 -17.84 45.26
N LYS A 224 -27.71 -17.30 46.09
CA LYS A 224 -27.18 -18.01 47.24
C LYS A 224 -27.74 -17.41 48.52
N ARG A 225 -28.50 -18.22 49.27
CA ARG A 225 -29.01 -17.78 50.56
C ARG A 225 -27.90 -17.80 51.60
N VAL A 226 -27.80 -16.74 52.40
CA VAL A 226 -26.77 -16.60 53.42
C VAL A 226 -27.46 -16.52 54.77
N GLU A 227 -27.31 -17.55 55.58
CA GLU A 227 -27.94 -17.66 56.89
C GLU A 227 -26.88 -17.75 57.99
N PRO A 228 -27.23 -17.35 59.22
CA PRO A 228 -26.32 -17.50 60.37
C PRO A 228 -26.00 -18.96 60.68
N GLN B 1 13.46 -1.77 29.31
CA GLN B 1 14.39 -0.85 28.65
C GLN B 1 13.62 0.26 27.92
N SER B 2 13.43 1.38 28.61
CA SER B 2 12.74 2.54 28.06
C SER B 2 13.64 3.76 28.18
N VAL B 3 13.37 4.75 27.34
CA VAL B 3 14.23 5.94 27.25
C VAL B 3 13.67 7.07 28.11
N VAL B 4 12.42 7.45 27.84
CA VAL B 4 11.80 8.54 28.56
C VAL B 4 11.60 8.16 30.03
N THR B 5 11.75 9.14 30.92
CA THR B 5 11.65 8.88 32.35
C THR B 5 10.89 10.01 33.03
N GLN B 6 10.01 9.63 33.95
CA GLN B 6 9.31 10.54 34.84
C GLN B 6 9.45 10.04 36.28
N PRO B 7 9.42 10.95 37.25
CA PRO B 7 9.35 10.52 38.65
C PRO B 7 8.06 9.75 38.90
N PRO B 8 8.10 8.72 39.75
CA PRO B 8 6.89 7.89 39.95
C PRO B 8 5.74 8.67 40.58
N SER B 9 6.02 9.42 41.64
CA SER B 9 4.99 10.16 42.36
CA SER B 9 4.99 10.16 42.36
C SER B 9 5.37 11.63 42.46
N ALA B 10 4.43 12.42 42.98
CA ALA B 10 4.64 13.85 43.17
C ALA B 10 3.56 14.35 44.13
N SER B 11 3.95 15.27 45.00
CA SER B 11 3.03 15.86 45.96
C SER B 11 3.01 17.38 45.80
N GLY B 12 1.89 17.98 46.15
CA GLY B 12 1.75 19.42 46.06
C GLY B 12 0.61 19.94 46.92
N THR B 13 0.89 20.98 47.71
CA THR B 13 -0.14 21.56 48.55
C THR B 13 -1.18 22.26 47.69
N PRO B 14 -2.46 22.22 48.08
CA PRO B 14 -3.51 22.83 47.25
C PRO B 14 -3.30 24.32 47.07
N GLY B 15 -3.62 24.81 45.86
CA GLY B 15 -3.46 26.20 45.52
C GLY B 15 -2.06 26.61 45.11
N GLN B 16 -1.08 25.72 45.22
CA GLN B 16 0.30 26.04 44.95
C GLN B 16 0.73 25.43 43.60
N ARG B 17 2.03 25.33 43.38
CA ARG B 17 2.58 24.90 42.10
C ARG B 17 3.36 23.60 42.25
N VAL B 18 3.34 22.79 41.19
CA VAL B 18 4.05 21.52 41.14
C VAL B 18 4.79 21.46 39.80
N THR B 19 5.90 20.72 39.77
CA THR B 19 6.65 20.48 38.54
C THR B 19 6.84 18.99 38.36
N ILE B 20 6.40 18.47 37.20
CA ILE B 20 6.62 17.08 36.82
C ILE B 20 7.66 17.08 35.71
N SER B 21 8.75 16.34 35.93
CA SER B 21 9.89 16.36 35.04
C SER B 21 9.84 15.19 34.07
N CYS B 22 10.34 15.43 32.86
CA CYS B 22 10.35 14.44 31.80
C CYS B 22 11.73 14.46 31.15
N SER B 23 12.45 13.34 31.25
CA SER B 23 13.82 13.26 30.77
C SER B 23 13.89 12.41 29.50
N GLY B 24 14.46 12.96 28.45
CA GLY B 24 14.61 12.20 27.22
C GLY B 24 16.02 12.17 26.66
N SER B 25 16.16 12.01 25.35
CA SER B 25 17.47 11.90 24.72
C SER B 25 17.46 12.73 23.43
N SER B 26 18.52 12.57 22.63
CA SER B 26 18.57 13.28 21.35
C SER B 26 17.65 12.65 20.31
N SER B 27 17.27 11.39 20.49
CA SER B 27 16.48 10.68 19.48
C SER B 27 15.00 11.03 19.53
N ASP B 28 14.52 11.61 20.63
CA ASP B 28 13.12 12.01 20.73
C ASP B 28 13.00 13.52 20.90
N ILE B 29 13.32 14.06 22.08
CA ILE B 29 13.21 15.50 22.30
C ILE B 29 14.31 16.29 21.62
N GLY B 30 15.33 15.61 21.09
CA GLY B 30 16.39 16.31 20.38
C GLY B 30 15.88 17.04 19.14
N SER B 31 14.90 16.44 18.46
CA SER B 31 14.38 17.04 17.23
C SER B 31 12.88 16.81 17.04
N ASN B 32 12.17 16.35 18.05
CA ASN B 32 10.74 16.10 17.94
C ASN B 32 10.02 16.69 19.15
N THR B 33 8.77 17.10 18.94
CA THR B 33 8.00 17.75 19.99
C THR B 33 7.57 16.74 21.05
N VAL B 34 7.19 17.26 22.21
CA VAL B 34 6.78 16.46 23.35
C VAL B 34 5.45 17.00 23.87
N ASN B 35 4.54 16.10 24.22
CA ASN B 35 3.21 16.45 24.68
C ASN B 35 2.94 15.79 26.03
N TRP B 36 1.84 16.21 26.65
CA TRP B 36 1.48 15.75 27.99
C TRP B 36 0.04 15.27 28.01
N TYR B 37 -0.20 14.17 28.73
CA TYR B 37 -1.54 13.59 28.86
C TYR B 37 -1.90 13.45 30.32
N GLN B 38 -3.18 13.66 30.62
CA GLN B 38 -3.72 13.50 31.97
C GLN B 38 -4.75 12.38 31.94
N GLN B 39 -4.58 11.40 32.82
CA GLN B 39 -5.49 10.25 32.90
C GLN B 39 -5.98 10.12 34.32
N LEU B 40 -7.30 10.12 34.50
CA LEU B 40 -7.96 9.86 35.77
C LEU B 40 -8.21 8.36 35.92
N PRO B 41 -8.09 7.83 37.14
CA PRO B 41 -8.22 6.38 37.33
C PRO B 41 -9.59 5.87 36.87
N GLY B 42 -9.56 4.84 36.03
CA GLY B 42 -10.75 4.25 35.47
C GLY B 42 -11.19 4.83 34.14
N THR B 43 -10.88 6.10 33.89
CA THR B 43 -11.29 6.77 32.66
C THR B 43 -10.20 6.58 31.60
N ALA B 44 -10.26 7.36 30.52
CA ALA B 44 -9.31 7.33 29.43
C ALA B 44 -8.47 8.61 29.42
N PRO B 45 -7.22 8.53 28.96
CA PRO B 45 -6.36 9.72 28.96
C PRO B 45 -6.90 10.80 28.04
N LYS B 46 -6.51 12.04 28.34
CA LYS B 46 -6.89 13.19 27.54
C LYS B 46 -5.67 14.07 27.30
N LEU B 47 -5.67 14.78 26.19
CA LEU B 47 -4.55 15.63 25.83
C LEU B 47 -4.51 16.87 26.70
N LEU B 48 -3.34 17.15 27.28
CA LEU B 48 -3.13 18.29 28.17
C LEU B 48 -2.26 19.37 27.54
N ILE B 49 -1.16 18.99 26.90
CA ILE B 49 -0.23 19.89 26.23
C ILE B 49 0.18 19.19 24.93
N TYR B 50 0.41 19.96 23.86
CA TYR B 50 0.71 19.12 22.69
C TYR B 50 1.96 19.52 21.93
N THR B 51 2.26 20.81 21.76
CA THR B 51 3.49 21.23 21.10
C THR B 51 4.39 21.91 22.14
N ASN B 52 5.05 21.08 22.95
CA ASN B 52 5.87 21.51 24.07
C ASN B 52 5.05 22.26 25.11
N ASN B 53 4.28 23.27 24.69
CA ASN B 53 3.48 24.04 25.65
C ASN B 53 2.28 24.71 25.01
N GLN B 54 1.59 24.03 24.10
CA GLN B 54 0.31 24.49 23.57
C GLN B 54 -0.82 23.79 24.30
N ARG B 55 -1.90 24.52 24.55
CA ARG B 55 -3.01 23.98 25.32
C ARG B 55 -4.24 23.79 24.43
N PRO B 56 -4.86 22.61 24.45
CA PRO B 56 -6.11 22.42 23.71
C PRO B 56 -7.26 23.17 24.38
N SER B 57 -8.38 23.24 23.68
CA SER B 57 -9.58 23.86 24.22
C SER B 57 -10.11 23.02 25.38
N GLY B 58 -10.36 23.66 26.51
CA GLY B 58 -10.79 22.98 27.70
C GLY B 58 -9.71 22.73 28.73
N VAL B 59 -8.47 23.11 28.44
CA VAL B 59 -7.36 22.98 29.38
C VAL B 59 -7.08 24.36 29.96
N PRO B 60 -7.25 24.57 31.26
CA PRO B 60 -7.01 25.89 31.84
C PRO B 60 -5.54 26.26 31.80
N ASP B 61 -5.28 27.55 31.96
CA ASP B 61 -3.91 28.04 31.97
C ASP B 61 -3.15 27.64 33.24
N ARG B 62 -3.79 26.93 34.16
CA ARG B 62 -3.08 26.39 35.33
C ARG B 62 -2.01 25.39 34.92
N PHE B 63 -2.12 24.80 33.73
CA PHE B 63 -1.15 23.85 33.23
C PHE B 63 -0.26 24.53 32.20
N SER B 64 1.05 24.37 32.35
CA SER B 64 2.00 24.98 31.43
C SER B 64 3.16 24.02 31.21
N GLY B 65 3.51 23.80 29.95
CA GLY B 65 4.65 22.96 29.60
C GLY B 65 5.88 23.79 29.27
N SER B 66 7.01 23.09 29.22
CA SER B 66 8.27 23.72 28.85
C SER B 66 9.24 22.64 28.40
N LYS B 67 10.12 23.01 27.48
CA LYS B 67 11.09 22.07 26.91
C LYS B 67 12.41 22.79 26.68
N SER B 68 13.50 22.20 27.17
CA SER B 68 14.84 22.76 26.97
C SER B 68 15.80 21.60 26.73
N GLY B 69 16.28 21.46 25.50
CA GLY B 69 17.14 20.37 25.10
C GLY B 69 16.52 18.99 25.19
N THR B 70 17.06 18.14 26.06
CA THR B 70 16.60 16.77 26.19
C THR B 70 15.62 16.58 27.34
N SER B 71 15.16 17.66 27.97
CA SER B 71 14.29 17.57 29.12
C SER B 71 13.00 18.34 28.88
N ALA B 72 11.95 17.92 29.58
CA ALA B 72 10.66 18.59 29.53
C ALA B 72 10.08 18.68 30.93
N SER B 73 9.16 19.62 31.13
CA SER B 73 8.58 19.84 32.44
C SER B 73 7.12 20.25 32.30
N LEU B 74 6.29 19.78 33.21
CA LEU B 74 4.89 20.16 33.29
C LEU B 74 4.62 20.82 34.64
N ALA B 75 4.00 21.99 34.62
CA ALA B 75 3.72 22.77 35.82
C ALA B 75 2.22 22.91 36.01
N ILE B 76 1.75 22.68 37.23
CA ILE B 76 0.34 22.80 37.58
C ILE B 76 0.24 23.82 38.70
N THR B 77 -0.26 25.01 38.38
CA THR B 77 -0.45 26.07 39.36
C THR B 77 -1.86 26.00 39.93
N GLY B 78 -1.98 26.42 41.19
CA GLY B 78 -3.26 26.39 41.89
C GLY B 78 -3.87 25.00 41.89
N LEU B 79 -3.23 24.07 42.59
CA LEU B 79 -3.68 22.69 42.60
C LEU B 79 -5.11 22.57 43.11
N GLN B 80 -5.95 21.88 42.35
CA GLN B 80 -7.31 21.58 42.74
C GLN B 80 -7.45 20.08 42.91
N SER B 81 -8.52 19.68 43.60
CA SER B 81 -8.71 18.26 43.92
C SER B 81 -8.82 17.42 42.66
N GLU B 82 -9.46 17.95 41.62
CA GLU B 82 -9.65 17.18 40.38
C GLU B 82 -8.35 16.97 39.62
N ASP B 83 -7.25 17.61 40.02
CA ASP B 83 -5.97 17.44 39.34
C ASP B 83 -5.23 16.18 39.74
N GLU B 84 -5.68 15.49 40.78
CA GLU B 84 -5.05 14.24 41.22
C GLU B 84 -5.28 13.16 40.16
N ALA B 85 -4.22 12.79 39.45
CA ALA B 85 -4.35 11.87 38.33
C ALA B 85 -2.96 11.36 37.94
N ASP B 86 -2.92 10.57 36.87
CA ASP B 86 -1.68 10.15 36.25
C ASP B 86 -1.31 11.12 35.13
N TYR B 87 -0.02 11.45 35.06
CA TYR B 87 0.49 12.39 34.06
C TYR B 87 1.58 11.71 33.25
N PHE B 88 1.35 11.57 31.94
CA PHE B 88 2.30 10.97 31.02
C PHE B 88 2.83 12.02 30.06
N CYS B 89 4.14 12.01 29.84
CA CYS B 89 4.74 12.75 28.74
C CYS B 89 5.09 11.79 27.62
N ALA B 90 5.11 12.32 26.39
CA ALA B 90 5.34 11.48 25.23
C ALA B 90 5.91 12.32 24.11
N ALA B 91 6.78 11.70 23.30
CA ALA B 91 7.38 12.35 22.16
C ALA B 91 7.58 11.32 21.06
N TRP B 92 7.64 11.81 19.81
CA TRP B 92 7.83 10.94 18.65
C TRP B 92 9.31 10.62 18.52
N ASP B 93 9.73 9.49 19.07
CA ASP B 93 11.11 9.03 18.91
C ASP B 93 11.26 8.34 17.55
N GLU B 94 12.28 8.72 16.80
CA GLU B 94 12.48 8.18 15.45
C GLU B 94 13.36 6.95 15.43
N SER B 95 14.26 6.79 16.42
CA SER B 95 15.09 5.59 16.49
C SER B 95 14.25 4.33 16.43
N LEU B 96 13.16 4.31 17.20
CA LEU B 96 12.18 3.23 17.13
C LEU B 96 11.07 3.53 16.13
N ASN B 97 11.09 4.71 15.50
CA ASN B 97 10.06 5.13 14.55
C ASN B 97 8.67 5.00 15.17
N GLY B 98 8.42 5.88 16.15
CA GLY B 98 7.15 5.85 16.83
C GLY B 98 7.08 6.67 18.10
N ARG B 99 5.86 7.00 18.52
CA ARG B 99 5.67 7.69 19.77
C ARG B 99 6.04 6.78 20.94
N VAL B 100 6.65 7.38 21.96
CA VAL B 100 7.01 6.66 23.18
C VAL B 100 6.39 7.38 24.37
N PHE B 101 5.63 6.66 25.18
CA PHE B 101 4.99 7.23 26.35
C PHE B 101 5.92 7.13 27.56
N GLY B 102 5.80 8.10 28.45
CA GLY B 102 6.54 8.07 29.70
C GLY B 102 6.01 6.98 30.63
N GLY B 103 6.77 6.76 31.70
CA GLY B 103 6.32 5.84 32.72
C GLY B 103 5.14 6.34 33.52
N GLY B 104 4.88 7.64 33.49
CA GLY B 104 3.77 8.22 34.20
C GLY B 104 4.18 8.74 35.56
N THR B 105 3.46 9.76 36.04
CA THR B 105 3.68 10.33 37.36
C THR B 105 2.33 10.45 38.07
N LYS B 106 2.18 9.72 39.17
CA LYS B 106 0.98 9.83 39.98
C LYS B 106 1.08 11.06 40.88
N LEU B 107 0.06 11.90 40.83
CA LEU B 107 -0.01 13.09 41.67
C LEU B 107 -0.98 12.86 42.81
N THR B 108 -0.59 13.30 44.00
CA THR B 108 -1.40 13.17 45.21
C THR B 108 -1.58 14.56 45.81
N VAL B 109 -2.84 14.99 45.94
CA VAL B 109 -3.17 16.27 46.56
C VAL B 109 -3.31 16.03 48.07
N LEU B 110 -2.62 16.84 48.86
CA LEU B 110 -2.49 16.60 50.29
C LEU B 110 -3.71 17.01 51.12
N GLY B 111 -4.77 17.50 50.47
CA GLY B 111 -5.95 17.91 51.22
C GLY B 111 -6.80 16.78 51.75
N GLN B 112 -6.60 15.56 51.27
CA GLN B 112 -7.44 14.43 51.65
C GLN B 112 -7.06 13.92 53.04
N PRO B 113 -8.00 13.32 53.76
CA PRO B 113 -7.70 12.80 55.10
C PRO B 113 -7.27 11.33 55.08
N LYS B 114 -6.39 11.01 56.03
CA LYS B 114 -5.97 9.63 56.21
C LYS B 114 -7.08 8.81 56.84
N ALA B 115 -7.12 7.52 56.51
CA ALA B 115 -8.15 6.62 56.99
C ALA B 115 -7.56 5.23 57.22
N ASN B 116 -7.83 4.67 58.39
CA ASN B 116 -7.38 3.32 58.71
C ASN B 116 -8.29 2.29 58.04
N PRO B 117 -7.74 1.13 57.66
CA PRO B 117 -8.53 0.14 56.94
C PRO B 117 -9.45 -0.65 57.86
N THR B 118 -10.66 -0.91 57.37
CA THR B 118 -11.60 -1.81 58.04
C THR B 118 -11.38 -3.22 57.53
N VAL B 119 -11.07 -4.14 58.43
CA VAL B 119 -10.70 -5.50 58.08
C VAL B 119 -11.74 -6.46 58.63
N THR B 120 -12.29 -7.30 57.76
CA THR B 120 -13.21 -8.36 58.14
C THR B 120 -12.69 -9.67 57.58
N LEU B 121 -12.53 -10.67 58.45
CA LEU B 121 -11.97 -11.95 58.07
C LEU B 121 -13.04 -13.03 58.20
N PHE B 122 -13.25 -13.79 57.13
CA PHE B 122 -14.23 -14.85 57.10
C PHE B 122 -13.55 -16.21 57.05
N PRO B 123 -13.96 -17.16 57.89
CA PRO B 123 -13.39 -18.51 57.83
C PRO B 123 -14.00 -19.28 56.66
N PRO B 124 -13.45 -20.45 56.33
CA PRO B 124 -14.04 -21.25 55.25
C PRO B 124 -15.44 -21.73 55.63
N SER B 125 -16.35 -21.62 54.67
CA SER B 125 -17.73 -22.06 54.90
C SER B 125 -17.79 -23.59 54.96
N SER B 126 -18.75 -24.09 55.73
CA SER B 126 -18.94 -25.53 55.82
C SER B 126 -19.36 -26.12 54.48
N GLU B 127 -19.99 -25.32 53.62
CA GLU B 127 -20.37 -25.81 52.29
C GLU B 127 -19.13 -26.00 51.41
N GLU B 128 -18.14 -25.11 51.54
CA GLU B 128 -16.91 -25.28 50.78
C GLU B 128 -16.06 -26.41 51.35
N LEU B 129 -16.04 -26.55 52.69
CA LEU B 129 -15.30 -27.64 53.30
C LEU B 129 -15.90 -29.00 52.92
N GLN B 130 -17.23 -29.06 52.79
CA GLN B 130 -17.87 -30.28 52.31
C GLN B 130 -17.50 -30.58 50.86
N ALA B 131 -17.05 -29.58 50.11
CA ALA B 131 -16.54 -29.77 48.76
C ALA B 131 -15.04 -30.03 48.74
N ASN B 132 -14.44 -30.30 49.90
CA ASN B 132 -13.01 -30.61 50.03
C ASN B 132 -12.14 -29.43 49.57
N LYS B 133 -12.54 -28.22 49.97
CA LYS B 133 -11.76 -27.02 49.71
C LYS B 133 -11.89 -26.08 50.90
N ALA B 134 -10.97 -25.12 50.97
CA ALA B 134 -10.96 -24.16 52.07
C ALA B 134 -10.34 -22.85 51.58
N THR B 135 -11.03 -21.74 51.82
CA THR B 135 -10.56 -20.44 51.37
C THR B 135 -10.85 -19.41 52.46
N LEU B 136 -9.80 -18.74 52.94
CA LEU B 136 -9.94 -17.66 53.90
C LEU B 136 -10.04 -16.34 53.15
N VAL B 137 -11.07 -15.56 53.45
CA VAL B 137 -11.34 -14.30 52.76
C VAL B 137 -11.10 -13.16 53.74
N CYS B 138 -10.19 -12.25 53.37
CA CYS B 138 -9.87 -11.07 54.17
C CYS B 138 -10.18 -9.84 53.32
N LEU B 139 -11.17 -9.06 53.74
CA LEU B 139 -11.65 -7.91 52.99
C LEU B 139 -11.20 -6.63 53.67
N ILE B 140 -10.57 -5.74 52.90
CA ILE B 140 -9.97 -4.51 53.41
C ILE B 140 -10.61 -3.34 52.68
N SER B 141 -11.19 -2.41 53.43
CA SER B 141 -11.93 -1.31 52.84
C SER B 141 -11.72 -0.04 53.65
N ASP B 142 -12.05 1.09 53.02
CA ASP B 142 -12.06 2.41 53.67
C ASP B 142 -10.69 2.81 54.19
N PHE B 143 -9.66 2.61 53.38
CA PHE B 143 -8.31 3.03 53.74
C PHE B 143 -7.79 4.02 52.71
N TYR B 144 -7.12 5.07 53.21
CA TYR B 144 -6.51 6.09 52.37
C TYR B 144 -5.21 6.49 53.07
N PRO B 145 -4.09 6.59 52.34
CA PRO B 145 -4.01 6.42 50.89
C PRO B 145 -3.98 4.95 50.44
N GLY B 146 -4.35 4.72 49.19
CA GLY B 146 -4.50 3.36 48.68
C GLY B 146 -3.21 2.58 48.57
N ALA B 147 -2.69 2.12 49.71
CA ALA B 147 -1.47 1.33 49.73
C ALA B 147 -1.45 0.53 51.03
N VAL B 148 -1.57 -0.80 50.92
CA VAL B 148 -1.55 -1.69 52.08
C VAL B 148 -0.73 -2.92 51.74
N THR B 149 -0.25 -3.59 52.78
CA THR B 149 0.49 -4.84 52.65
C THR B 149 -0.17 -5.88 53.54
N VAL B 150 -0.38 -7.08 53.02
CA VAL B 150 -1.12 -8.14 53.70
C VAL B 150 -0.18 -9.30 53.98
N ALA B 151 -0.28 -9.86 55.18
CA ALA B 151 0.49 -11.02 55.58
C ALA B 151 -0.41 -11.98 56.34
N TRP B 152 -0.24 -13.27 56.07
CA TRP B 152 -1.05 -14.32 56.70
C TRP B 152 -0.19 -15.14 57.65
N LYS B 153 -0.83 -15.64 58.71
CA LYS B 153 -0.14 -16.40 59.75
C LYS B 153 -0.93 -17.65 60.10
N ALA B 154 -0.24 -18.77 60.17
CA ALA B 154 -0.84 -20.04 60.60
C ALA B 154 -0.42 -20.30 62.04
N ASP B 155 -1.41 -20.36 62.94
CA ASP B 155 -1.16 -20.47 64.38
C ASP B 155 -0.23 -19.35 64.84
N SER B 156 1.05 -19.67 65.02
CA SER B 156 2.05 -18.72 65.46
C SER B 156 3.23 -18.68 64.50
N SER B 157 2.94 -18.67 63.19
CA SER B 157 4.01 -18.68 62.19
C SER B 157 3.49 -18.11 60.89
N PRO B 158 4.30 -17.36 60.15
CA PRO B 158 3.82 -16.78 58.89
C PRO B 158 3.70 -17.83 57.80
N VAL B 159 2.98 -17.47 56.74
CA VAL B 159 2.74 -18.36 55.62
C VAL B 159 2.50 -17.52 54.37
N LYS B 160 3.09 -17.97 53.24
CA LYS B 160 2.92 -17.30 51.96
C LYS B 160 2.33 -18.23 50.89
N ALA B 161 2.27 -19.53 51.12
CA ALA B 161 1.74 -20.45 50.12
C ALA B 161 0.23 -20.33 50.04
N GLY B 162 -0.27 -20.16 48.81
CA GLY B 162 -1.70 -20.07 48.60
C GLY B 162 -2.31 -18.70 48.83
N VAL B 163 -1.51 -17.64 48.78
CA VAL B 163 -1.98 -16.28 49.03
C VAL B 163 -2.22 -15.59 47.69
N GLU B 164 -3.40 -14.98 47.56
CA GLU B 164 -3.75 -14.20 46.37
C GLU B 164 -4.36 -12.88 46.83
N THR B 165 -3.76 -11.77 46.43
CA THR B 165 -4.16 -10.45 46.90
C THR B 165 -4.33 -9.51 45.71
N THR B 166 -5.33 -8.64 45.79
CA THR B 166 -5.63 -7.69 44.73
C THR B 166 -4.88 -6.38 44.94
N THR B 167 -4.71 -5.65 43.84
CA THR B 167 -4.19 -4.29 43.93
C THR B 167 -5.27 -3.37 44.50
N PRO B 168 -4.88 -2.27 45.14
CA PRO B 168 -5.89 -1.35 45.68
C PRO B 168 -6.70 -0.69 44.57
N SER B 169 -7.99 -0.49 44.85
CA SER B 169 -8.91 0.13 43.90
C SER B 169 -9.69 1.23 44.61
N LYS B 170 -9.83 2.36 43.93
CA LYS B 170 -10.54 3.50 44.50
C LYS B 170 -12.04 3.22 44.59
N GLN B 171 -12.61 3.47 45.77
CA GLN B 171 -14.03 3.22 46.01
C GLN B 171 -14.85 4.41 45.52
N SER B 172 -16.13 4.44 45.90
CA SER B 172 -16.99 5.56 45.56
C SER B 172 -16.70 6.78 46.42
N ASN B 173 -16.40 6.56 47.70
CA ASN B 173 -16.08 7.64 48.64
C ASN B 173 -14.64 8.13 48.51
N ASN B 174 -13.98 7.82 47.40
CA ASN B 174 -12.59 8.15 47.10
C ASN B 174 -11.60 7.43 47.99
N LYS B 175 -12.06 6.55 48.88
CA LYS B 175 -11.15 5.67 49.62
C LYS B 175 -10.86 4.44 48.77
N TYR B 176 -10.02 3.54 49.30
CA TYR B 176 -9.56 2.40 48.53
C TYR B 176 -9.96 1.09 49.20
N ALA B 177 -9.96 0.03 48.40
CA ALA B 177 -10.37 -1.29 48.85
C ALA B 177 -9.43 -2.34 48.27
N ALA B 178 -9.27 -3.43 49.00
CA ALA B 178 -8.44 -4.54 48.55
C ALA B 178 -8.93 -5.81 49.24
N SER B 179 -8.62 -6.95 48.62
CA SER B 179 -9.03 -8.25 49.15
C SER B 179 -7.89 -9.23 49.05
N SER B 180 -7.78 -10.12 50.03
CA SER B 180 -6.75 -11.15 50.08
C SER B 180 -7.41 -12.49 50.35
N TYR B 181 -6.90 -13.54 49.71
CA TYR B 181 -7.45 -14.88 49.82
C TYR B 181 -6.34 -15.85 50.17
N LEU B 182 -6.65 -16.81 51.05
CA LEU B 182 -5.72 -17.86 51.45
C LEU B 182 -6.39 -19.21 51.22
N SER B 183 -5.89 -19.97 50.25
CA SER B 183 -6.43 -21.28 49.93
C SER B 183 -5.76 -22.34 50.80
N LEU B 184 -6.57 -23.19 51.42
CA LEU B 184 -6.08 -24.25 52.28
C LEU B 184 -6.79 -25.55 51.95
N THR B 185 -6.22 -26.65 52.44
CA THR B 185 -6.90 -27.93 52.41
C THR B 185 -7.77 -28.07 53.66
N PRO B 186 -8.83 -28.86 53.59
CA PRO B 186 -9.68 -29.06 54.78
C PRO B 186 -8.92 -29.61 55.98
N GLU B 187 -7.75 -30.21 55.78
CA GLU B 187 -6.93 -30.69 56.88
C GLU B 187 -6.05 -29.59 57.47
N GLN B 188 -5.47 -28.74 56.62
CA GLN B 188 -4.67 -27.62 57.12
C GLN B 188 -5.50 -26.66 57.95
N TRP B 189 -6.78 -26.52 57.63
CA TRP B 189 -7.65 -25.63 58.38
C TRP B 189 -7.96 -26.19 59.77
N LYS B 190 -8.31 -27.48 59.83
CA LYS B 190 -8.67 -28.07 61.12
C LYS B 190 -7.46 -28.33 62.00
N SER B 191 -6.28 -28.48 61.41
CA SER B 191 -5.10 -28.85 62.20
C SER B 191 -4.60 -27.70 63.05
N HIS B 192 -4.58 -26.48 62.49
CA HIS B 192 -4.04 -25.34 63.21
C HIS B 192 -5.08 -24.77 64.17
N ARG B 193 -4.58 -24.04 65.17
CA ARG B 193 -5.46 -23.49 66.20
C ARG B 193 -6.17 -22.23 65.69
N SER B 194 -5.50 -21.42 64.89
CA SER B 194 -6.09 -20.19 64.38
C SER B 194 -5.28 -19.69 63.20
N TYR B 195 -5.92 -18.85 62.39
CA TYR B 195 -5.26 -18.15 61.30
C TYR B 195 -5.55 -16.65 61.44
N SER B 196 -4.58 -15.83 61.03
CA SER B 196 -4.66 -14.39 61.22
C SER B 196 -4.35 -13.65 59.93
N CYS B 197 -5.10 -12.59 59.68
CA CYS B 197 -4.89 -11.71 58.53
C CYS B 197 -4.35 -10.38 59.05
N GLN B 198 -3.11 -10.06 58.67
CA GLN B 198 -2.46 -8.83 59.09
C GLN B 198 -2.49 -7.83 57.95
N VAL B 199 -3.04 -6.65 58.21
CA VAL B 199 -3.15 -5.58 57.23
C VAL B 199 -2.35 -4.40 57.74
N THR B 200 -1.23 -4.09 57.08
CA THR B 200 -0.37 -3.00 57.46
C THR B 200 -0.64 -1.80 56.56
N HIS B 201 -0.98 -0.66 57.17
CA HIS B 201 -1.30 0.56 56.44
C HIS B 201 -0.62 1.73 57.14
N GLU B 202 0.33 2.37 56.45
CA GLU B 202 1.04 3.53 56.97
C GLU B 202 1.80 3.21 58.25
N GLY B 203 2.47 2.06 58.26
CA GLY B 203 3.28 1.65 59.38
C GLY B 203 2.57 0.91 60.49
N SER B 204 1.25 1.04 60.60
CA SER B 204 0.47 0.37 61.61
C SER B 204 -0.27 -0.82 61.00
N THR B 205 -0.48 -1.85 61.83
CA THR B 205 -1.06 -3.11 61.38
C THR B 205 -2.30 -3.44 62.18
N VAL B 206 -3.33 -3.93 61.49
CA VAL B 206 -4.56 -4.43 62.11
C VAL B 206 -4.69 -5.91 61.78
N GLU B 207 -4.88 -6.72 62.80
CA GLU B 207 -4.94 -8.18 62.64
C GLU B 207 -6.30 -8.70 63.10
N LYS B 208 -6.93 -9.51 62.25
CA LYS B 208 -8.12 -10.26 62.61
C LYS B 208 -7.77 -11.74 62.63
N THR B 209 -8.38 -12.49 63.56
CA THR B 209 -8.05 -13.89 63.77
C THR B 209 -9.33 -14.72 63.78
N VAL B 210 -9.26 -15.88 63.13
CA VAL B 210 -10.37 -16.84 63.10
C VAL B 210 -9.84 -18.22 63.48
N ALA B 211 -10.75 -19.09 63.88
CA ALA B 211 -10.43 -20.43 64.34
C ALA B 211 -11.51 -21.39 63.87
N PRO B 212 -11.17 -22.67 63.69
CA PRO B 212 -12.17 -23.65 63.25
C PRO B 212 -13.30 -23.82 64.26
N THR B 213 -14.52 -23.54 63.80
CA THR B 213 -15.76 -23.67 64.57
C THR B 213 -15.62 -23.52 66.09
N GLN C 1 24.29 11.90 -34.34
CA GLN C 1 25.60 12.48 -34.11
C GLN C 1 26.48 11.53 -33.29
N VAL C 2 26.25 11.47 -31.99
CA VAL C 2 26.96 10.53 -31.14
C VAL C 2 26.53 9.11 -31.50
N GLN C 3 27.49 8.21 -31.62
CA GLN C 3 27.21 6.84 -31.99
C GLN C 3 28.18 5.90 -31.28
N LEU C 4 27.64 4.83 -30.71
CA LEU C 4 28.43 3.81 -30.03
C LEU C 4 28.42 2.54 -30.85
N VAL C 5 29.60 2.09 -31.28
CA VAL C 5 29.76 0.88 -32.08
C VAL C 5 30.33 -0.20 -31.18
N GLU C 6 29.73 -1.38 -31.22
CA GLU C 6 30.08 -2.46 -30.31
C GLU C 6 30.34 -3.74 -31.09
N SER C 7 31.27 -4.56 -30.58
CA SER C 7 31.65 -5.81 -31.22
C SER C 7 32.54 -6.58 -30.26
N GLY C 8 32.77 -7.85 -30.59
CA GLY C 8 33.72 -8.69 -29.87
C GLY C 8 33.14 -9.91 -29.19
N GLY C 9 31.82 -10.09 -29.13
CA GLY C 9 31.25 -11.21 -28.41
C GLY C 9 31.39 -12.52 -29.18
N GLY C 10 30.94 -13.59 -28.53
CA GLY C 10 30.98 -14.89 -29.15
C GLY C 10 30.81 -16.00 -28.11
N LEU C 11 31.05 -17.22 -28.56
CA LEU C 11 30.95 -18.41 -27.72
CA LEU C 11 30.95 -18.41 -27.72
C LEU C 11 32.34 -18.81 -27.24
N VAL C 12 32.44 -19.13 -25.95
CA VAL C 12 33.72 -19.52 -25.35
C VAL C 12 33.46 -20.53 -24.25
N GLN C 13 34.47 -21.33 -23.94
CA GLN C 13 34.40 -22.32 -22.88
C GLN C 13 34.55 -21.65 -21.52
N PRO C 14 34.15 -22.34 -20.45
CA PRO C 14 34.40 -21.80 -19.10
C PRO C 14 35.89 -21.66 -18.84
N GLY C 15 36.31 -20.45 -18.46
CA GLY C 15 37.70 -20.14 -18.23
C GLY C 15 38.37 -19.42 -19.38
N GLY C 16 37.72 -19.30 -20.53
CA GLY C 16 38.28 -18.62 -21.67
C GLY C 16 38.25 -17.11 -21.51
N SER C 17 38.76 -16.43 -22.54
CA SER C 17 38.83 -14.98 -22.56
CA SER C 17 38.84 -14.98 -22.57
C SER C 17 37.99 -14.44 -23.71
N LEU C 18 37.74 -13.13 -23.66
CA LEU C 18 36.97 -12.44 -24.69
C LEU C 18 37.21 -10.95 -24.55
N ARG C 19 37.27 -10.25 -25.69
CA ARG C 19 37.59 -8.83 -25.74
C ARG C 19 36.44 -8.08 -26.41
N LEU C 20 35.74 -7.26 -25.64
CA LEU C 20 34.67 -6.42 -26.16
C LEU C 20 35.21 -5.03 -26.45
N SER C 21 34.63 -4.38 -27.46
CA SER C 21 35.07 -3.07 -27.90
C SER C 21 33.88 -2.15 -28.08
N CYS C 22 34.05 -0.88 -27.71
CA CYS C 22 33.02 0.15 -27.84
C CYS C 22 33.67 1.38 -28.47
N ALA C 23 33.25 1.71 -29.69
CA ALA C 23 33.85 2.82 -30.45
C ALA C 23 32.93 4.04 -30.35
N ALA C 24 33.41 5.07 -29.66
CA ALA C 24 32.70 6.33 -29.55
C ALA C 24 33.09 7.24 -30.71
N SER C 25 32.10 7.90 -31.31
CA SER C 25 32.30 8.63 -32.55
C SER C 25 32.05 10.12 -32.37
N GLY C 26 30.83 10.54 -32.09
CA GLY C 26 30.49 11.95 -32.15
C GLY C 26 30.63 12.73 -30.86
N PHE C 27 31.80 12.68 -30.24
CA PHE C 27 32.07 13.43 -29.01
C PHE C 27 33.05 14.56 -29.30
N THR C 28 32.69 15.77 -28.86
CA THR C 28 33.54 16.93 -29.08
C THR C 28 34.84 16.82 -28.29
N ASN C 29 34.75 16.38 -27.04
CA ASN C 29 35.89 16.32 -26.13
C ASN C 29 35.92 14.96 -25.44
N ASP C 30 36.87 14.81 -24.51
CA ASP C 30 37.02 13.59 -23.74
C ASP C 30 36.16 13.57 -22.48
N PHE C 31 35.36 14.62 -22.24
CA PHE C 31 34.56 14.70 -21.02
C PHE C 31 33.28 13.87 -21.20
N TYR C 32 33.46 12.55 -21.13
CA TYR C 32 32.36 11.62 -21.08
C TYR C 32 32.82 10.37 -20.36
N SER C 33 31.88 9.47 -20.05
CA SER C 33 32.17 8.25 -19.33
C SER C 33 31.50 7.07 -20.01
N ILE C 34 32.13 5.91 -19.89
CA ILE C 34 31.66 4.69 -20.54
C ILE C 34 31.32 3.67 -19.47
N ALA C 35 30.21 2.95 -19.66
CA ALA C 35 29.78 1.89 -18.78
C ALA C 35 29.47 0.65 -19.60
N TRP C 36 29.57 -0.50 -18.95
CA TRP C 36 29.22 -1.79 -19.57
C TRP C 36 28.10 -2.43 -18.75
N PHE C 37 26.95 -2.61 -19.38
CA PHE C 37 25.81 -3.28 -18.78
C PHE C 37 25.59 -4.63 -19.44
N ARG C 38 25.24 -5.63 -18.65
CA ARG C 38 24.93 -6.96 -19.15
C ARG C 38 23.54 -7.35 -18.70
N GLN C 39 22.77 -7.94 -19.62
CA GLN C 39 21.37 -8.31 -19.37
C GLN C 39 21.27 -9.83 -19.46
N ALA C 40 21.35 -10.49 -18.30
CA ALA C 40 21.20 -11.93 -18.23
C ALA C 40 19.80 -12.33 -18.69
N PRO C 41 19.61 -13.60 -19.07
CA PRO C 41 18.27 -14.06 -19.44
C PRO C 41 17.29 -13.90 -18.29
N GLY C 42 16.26 -13.07 -18.52
CA GLY C 42 15.26 -12.81 -17.50
C GLY C 42 15.61 -11.73 -16.51
N LYS C 43 16.85 -11.25 -16.50
CA LYS C 43 17.27 -10.20 -15.59
C LYS C 43 17.24 -8.84 -16.28
N GLU C 44 17.40 -7.78 -15.47
CA GLU C 44 17.49 -6.43 -15.97
C GLU C 44 18.94 -6.10 -16.33
N ARG C 45 19.14 -4.94 -16.92
CA ARG C 45 20.48 -4.47 -17.24
C ARG C 45 21.23 -4.14 -15.96
N GLU C 46 22.46 -4.63 -15.85
CA GLU C 46 23.28 -4.45 -14.66
C GLU C 46 24.68 -4.02 -15.07
N GLY C 47 25.16 -2.92 -14.50
CA GLY C 47 26.49 -2.45 -14.82
C GLY C 47 27.56 -3.33 -14.19
N VAL C 48 28.67 -3.48 -14.91
CA VAL C 48 29.76 -4.34 -14.45
C VAL C 48 31.09 -3.58 -14.45
N SER C 49 31.22 -2.59 -15.33
CA SER C 49 32.47 -1.86 -15.44
C SER C 49 32.19 -0.44 -15.93
N TRP C 50 32.90 0.52 -15.35
CA TRP C 50 32.79 1.93 -15.71
C TRP C 50 34.17 2.49 -16.02
N LEU C 51 34.18 3.60 -16.75
CA LEU C 51 35.44 4.27 -17.09
C LEU C 51 35.18 5.74 -17.32
N SER C 52 35.77 6.59 -16.48
CA SER C 52 35.74 8.04 -16.69
C SER C 52 36.84 8.40 -17.67
N VAL C 53 36.46 8.80 -18.88
CA VAL C 53 37.43 8.97 -19.96
C VAL C 53 38.41 10.09 -19.63
N SER C 54 37.91 11.27 -19.29
CA SER C 54 38.77 12.40 -18.98
C SER C 54 39.68 12.14 -17.79
N ASP C 55 39.41 11.11 -17.00
CA ASP C 55 40.25 10.74 -15.87
C ASP C 55 40.92 9.39 -16.00
N ASN C 56 40.48 8.54 -16.94
CA ASN C 56 41.06 7.22 -17.15
C ASN C 56 41.02 6.40 -15.85
N THR C 57 39.85 6.39 -15.21
CA THR C 57 39.69 5.74 -13.91
C THR C 57 38.66 4.62 -14.04
N PRO C 58 39.05 3.38 -13.76
CA PRO C 58 38.10 2.26 -13.88
C PRO C 58 37.40 1.95 -12.56
N THR C 59 36.24 1.31 -12.70
CA THR C 59 35.48 0.80 -11.56
C THR C 59 34.80 -0.49 -11.98
N TYR C 60 34.99 -1.55 -11.19
CA TYR C 60 34.44 -2.85 -11.49
C TYR C 60 33.62 -3.35 -10.30
N VAL C 61 32.53 -4.07 -10.60
CA VAL C 61 31.78 -4.71 -9.54
C VAL C 61 32.60 -5.86 -8.96
N ASP C 62 32.25 -6.25 -7.73
CA ASP C 62 33.06 -7.21 -7.00
C ASP C 62 33.12 -8.57 -7.68
N SER C 63 32.08 -8.95 -8.41
CA SER C 63 32.04 -10.27 -9.03
C SER C 63 32.99 -10.40 -10.22
N VAL C 64 33.47 -9.29 -10.76
CA VAL C 64 34.30 -9.31 -11.96
C VAL C 64 35.60 -8.53 -11.74
N LYS C 65 35.93 -8.29 -10.47
CA LYS C 65 37.02 -7.36 -10.15
C LYS C 65 38.34 -7.79 -10.78
N ASP C 66 38.85 -8.96 -10.36
CA ASP C 66 40.15 -9.40 -10.84
C ASP C 66 40.09 -10.13 -12.17
N ARG C 67 38.89 -10.35 -12.72
CA ARG C 67 38.74 -11.05 -13.99
C ARG C 67 38.53 -10.13 -15.17
N PHE C 68 37.90 -8.97 -14.96
CA PHE C 68 37.65 -8.01 -16.03
C PHE C 68 38.66 -6.87 -15.96
N THR C 69 38.93 -6.27 -17.13
CA THR C 69 39.83 -5.14 -17.22
C THR C 69 39.34 -4.22 -18.33
N ILE C 70 39.01 -2.98 -17.98
CA ILE C 70 38.52 -1.99 -18.93
C ILE C 70 39.63 -0.99 -19.21
N SER C 71 39.74 -0.57 -20.46
CA SER C 71 40.77 0.36 -20.89
C SER C 71 40.31 1.05 -22.17
N ARG C 72 41.03 2.10 -22.54
CA ARG C 72 40.70 2.90 -23.72
C ARG C 72 41.96 3.15 -24.54
N HIS C 73 41.86 2.94 -25.85
CA HIS C 73 42.91 3.32 -26.78
C HIS C 73 42.55 4.67 -27.40
N ASN C 74 43.55 5.55 -27.49
CA ASN C 74 43.27 6.96 -27.72
C ASN C 74 42.89 7.26 -29.17
N ALA C 75 43.71 6.81 -30.12
CA ALA C 75 43.53 7.21 -31.51
C ALA C 75 42.19 6.74 -32.06
N ASN C 76 41.90 5.44 -31.92
CA ASN C 76 40.64 4.90 -32.42
C ASN C 76 39.44 5.32 -31.58
N ASN C 77 39.67 5.96 -30.43
CA ASN C 77 38.60 6.40 -29.53
C ASN C 77 37.69 5.24 -29.15
N THR C 78 38.32 4.13 -28.77
CA THR C 78 37.63 2.87 -28.49
C THR C 78 37.96 2.42 -27.09
N VAL C 79 36.93 2.03 -26.34
CA VAL C 79 37.08 1.47 -25.00
C VAL C 79 36.92 -0.03 -25.07
N TYR C 80 37.85 -0.76 -24.45
CA TYR C 80 37.85 -2.21 -24.47
C TYR C 80 37.56 -2.76 -23.07
N LEU C 81 36.84 -3.87 -23.02
CA LEU C 81 36.58 -4.59 -21.77
C LEU C 81 37.14 -6.00 -21.94
N GLN C 82 38.30 -6.26 -21.33
CA GLN C 82 38.94 -7.56 -21.41
C GLN C 82 38.39 -8.47 -20.32
N MET C 83 37.71 -9.54 -20.72
CA MET C 83 37.06 -10.46 -19.81
C MET C 83 37.86 -11.76 -19.79
N ASN C 84 38.55 -12.02 -18.69
CA ASN C 84 39.31 -13.25 -18.49
C ASN C 84 38.63 -14.13 -17.45
N MET C 85 38.98 -15.42 -17.49
CA MET C 85 38.45 -16.40 -16.55
C MET C 85 36.94 -16.38 -16.51
N LEU C 86 36.33 -16.39 -17.69
CA LEU C 86 34.88 -16.29 -17.80
C LEU C 86 34.20 -17.49 -17.15
N LYS C 87 33.04 -17.24 -16.56
CA LYS C 87 32.21 -18.22 -15.91
C LYS C 87 30.85 -18.29 -16.59
N PRO C 88 30.10 -19.37 -16.43
CA PRO C 88 28.74 -19.42 -16.98
C PRO C 88 27.85 -18.30 -16.46
N GLU C 89 28.17 -17.72 -15.31
CA GLU C 89 27.40 -16.59 -14.78
C GLU C 89 27.50 -15.38 -15.71
N ASP C 90 28.60 -15.26 -16.45
CA ASP C 90 28.83 -14.10 -17.31
C ASP C 90 28.03 -14.14 -18.59
N THR C 91 27.31 -15.23 -18.87
CA THR C 91 26.51 -15.33 -20.08
C THR C 91 25.39 -14.29 -20.07
N ALA C 92 25.47 -13.30 -20.96
CA ALA C 92 24.48 -12.24 -21.03
C ALA C 92 24.71 -11.44 -22.32
N ILE C 93 23.76 -10.56 -22.62
CA ILE C 93 23.90 -9.60 -23.69
C ILE C 93 24.54 -8.35 -23.11
N TYR C 94 25.73 -8.00 -23.61
CA TYR C 94 26.49 -6.88 -23.08
C TYR C 94 26.25 -5.63 -23.91
N TYR C 95 26.05 -4.51 -23.22
CA TYR C 95 25.85 -3.21 -23.84
C TYR C 95 26.87 -2.22 -23.28
N CYS C 96 27.33 -1.31 -24.14
CA CYS C 96 28.16 -0.19 -23.70
C CYS C 96 27.38 1.10 -23.86
N ALA C 97 27.47 1.97 -22.85
CA ALA C 97 26.72 3.21 -22.81
C ALA C 97 27.67 4.36 -22.49
N ALA C 98 27.23 5.57 -22.88
CA ALA C 98 28.01 6.78 -22.67
C ALA C 98 27.12 7.88 -22.10
N GLY C 99 27.76 8.81 -21.42
CA GLY C 99 27.05 9.96 -20.86
C GLY C 99 27.98 11.14 -20.73
N ARG C 100 27.40 12.34 -20.84
CA ARG C 100 28.18 13.58 -20.80
C ARG C 100 28.44 13.97 -19.34
N PHE C 101 29.35 13.21 -18.72
CA PHE C 101 29.76 13.43 -17.35
C PHE C 101 31.05 12.67 -17.11
N ALA C 102 31.64 12.89 -15.94
CA ALA C 102 32.85 12.18 -15.53
C ALA C 102 32.50 11.39 -14.26
N GLY C 103 32.21 10.11 -14.42
CA GLY C 103 31.86 9.28 -13.29
C GLY C 103 31.27 7.94 -13.66
N ARG C 104 30.24 7.52 -12.90
CA ARG C 104 29.71 6.17 -13.02
C ARG C 104 28.35 6.12 -12.37
N ASP C 105 27.55 5.14 -12.81
CA ASP C 105 26.21 4.95 -12.26
C ASP C 105 25.76 3.53 -12.53
N THR C 106 24.92 3.01 -11.65
CA THR C 106 24.35 1.68 -11.81
C THR C 106 23.02 1.69 -12.53
N TRP C 107 22.44 2.86 -12.80
CA TRP C 107 21.13 2.96 -13.42
C TRP C 107 21.28 3.14 -14.92
N PRO C 108 20.77 2.23 -15.74
CA PRO C 108 20.95 2.36 -17.20
C PRO C 108 20.30 3.61 -17.75
N SER C 109 19.16 4.03 -17.19
CA SER C 109 18.46 5.21 -17.65
C SER C 109 19.29 6.49 -17.49
N SER C 110 20.34 6.46 -16.67
CA SER C 110 21.21 7.61 -16.49
C SER C 110 22.20 7.80 -17.64
N TYR C 111 22.21 6.90 -18.61
CA TYR C 111 23.07 7.00 -19.79
C TYR C 111 22.20 7.27 -21.01
N ASP C 112 22.56 8.29 -21.79
CA ASP C 112 21.73 8.75 -22.90
C ASP C 112 22.12 8.13 -24.24
N TYR C 113 23.23 7.40 -24.31
CA TYR C 113 23.70 6.81 -25.56
C TYR C 113 24.00 5.34 -25.35
N TRP C 114 23.59 4.52 -26.31
CA TRP C 114 23.76 3.07 -26.23
C TRP C 114 24.16 2.52 -27.58
N GLY C 115 25.11 1.58 -27.56
CA GLY C 115 25.39 0.78 -28.74
C GLY C 115 24.55 -0.47 -28.78
N GLN C 116 24.59 -1.14 -29.93
CA GLN C 116 23.83 -2.37 -30.09
C GLN C 116 24.54 -3.52 -29.37
N GLY C 117 23.75 -4.32 -28.65
CA GLY C 117 24.32 -5.31 -27.78
C GLY C 117 25.00 -6.44 -28.54
N THR C 118 26.00 -7.04 -27.90
CA THR C 118 26.70 -8.20 -28.42
C THR C 118 26.49 -9.38 -27.46
N GLN C 119 26.43 -10.57 -28.04
CA GLN C 119 26.09 -11.77 -27.27
C GLN C 119 27.35 -12.42 -26.71
N VAL C 120 27.31 -12.73 -25.42
CA VAL C 120 28.39 -13.46 -24.74
C VAL C 120 27.78 -14.69 -24.11
N THR C 121 28.17 -15.86 -24.59
CA THR C 121 27.69 -17.13 -24.08
C THR C 121 28.87 -17.96 -23.60
N VAL C 122 28.77 -18.45 -22.36
CA VAL C 122 29.85 -19.22 -21.73
C VAL C 122 29.26 -20.56 -21.32
N SER C 123 29.56 -21.61 -22.07
CA SER C 123 29.11 -22.95 -21.74
C SER C 123 30.09 -23.96 -22.32
N SER C 124 29.86 -25.23 -22.02
CA SER C 124 30.72 -26.30 -22.51
C SER C 124 29.95 -27.26 -23.41
N GLN D 1 -20.56 22.52 -15.72
CA GLN D 1 -19.36 22.37 -14.91
C GLN D 1 -18.84 20.94 -14.99
N VAL D 2 -17.51 20.80 -14.91
CA VAL D 2 -16.83 19.51 -14.97
C VAL D 2 -17.18 18.80 -16.27
N GLN D 3 -16.51 19.20 -17.36
CA GLN D 3 -16.69 18.58 -18.66
C GLN D 3 -15.37 18.54 -19.39
N LEU D 4 -15.15 17.48 -20.16
CA LEU D 4 -13.99 17.34 -21.04
C LEU D 4 -14.53 17.02 -22.43
N VAL D 5 -14.80 18.04 -23.22
CA VAL D 5 -15.36 17.88 -24.56
C VAL D 5 -14.21 17.78 -25.55
N GLU D 6 -14.17 16.67 -26.28
CA GLU D 6 -13.13 16.42 -27.27
C GLU D 6 -13.67 16.65 -28.68
N SER D 7 -12.75 16.83 -29.62
CA SER D 7 -13.08 17.05 -31.03
C SER D 7 -11.81 16.93 -31.85
N GLY D 8 -11.99 16.79 -33.16
CA GLY D 8 -10.88 16.74 -34.09
C GLY D 8 -10.61 15.40 -34.72
N GLY D 9 -11.43 14.38 -34.44
CA GLY D 9 -11.21 13.07 -35.00
C GLY D 9 -11.76 12.93 -36.41
N GLY D 10 -11.45 11.79 -37.01
CA GLY D 10 -11.86 11.50 -38.37
C GLY D 10 -10.88 10.55 -39.02
N LEU D 11 -10.98 10.45 -40.35
CA LEU D 11 -10.06 9.63 -41.11
C LEU D 11 -8.92 10.49 -41.65
N ILE D 12 -7.72 9.92 -41.64
CA ILE D 12 -6.52 10.60 -42.10
C ILE D 12 -5.61 9.57 -42.74
N GLN D 13 -5.07 9.91 -43.91
CA GLN D 13 -4.22 8.99 -44.66
C GLN D 13 -2.94 8.68 -43.88
N PRO D 14 -2.32 7.52 -44.15
CA PRO D 14 -1.10 7.17 -43.43
C PRO D 14 0.02 8.17 -43.70
N GLY D 15 0.83 8.42 -42.67
CA GLY D 15 1.86 9.43 -42.74
C GLY D 15 1.36 10.85 -42.61
N GLY D 16 0.07 11.05 -42.40
CA GLY D 16 -0.50 12.38 -42.31
C GLY D 16 -0.36 12.97 -40.91
N SER D 17 -1.08 14.07 -40.72
CA SER D 17 -1.07 14.79 -39.44
C SER D 17 -2.50 15.13 -39.04
N LEU D 18 -2.75 15.12 -37.74
CA LEU D 18 -4.07 15.42 -37.20
C LEU D 18 -3.90 15.90 -35.77
N ARG D 19 -4.69 16.91 -35.38
CA ARG D 19 -4.58 17.54 -34.07
C ARG D 19 -5.89 17.37 -33.32
N LEU D 20 -5.80 16.88 -32.09
CA LEU D 20 -6.96 16.64 -31.24
C LEU D 20 -7.06 17.73 -30.18
N SER D 21 -8.30 18.04 -29.81
CA SER D 21 -8.59 19.05 -28.80
C SER D 21 -9.35 18.44 -27.63
N CYS D 22 -9.31 19.14 -26.50
CA CYS D 22 -9.94 18.67 -25.25
C CYS D 22 -10.38 19.91 -24.46
N ALA D 23 -11.55 20.44 -24.82
CA ALA D 23 -12.07 21.63 -24.16
C ALA D 23 -12.49 21.28 -22.73
N ALA D 24 -12.01 22.07 -21.77
CA ALA D 24 -12.24 21.83 -20.35
C ALA D 24 -13.17 22.88 -19.77
N SER D 25 -13.97 22.46 -18.79
CA SER D 25 -14.89 23.33 -18.08
C SER D 25 -14.85 23.01 -16.60
N GLY D 26 -14.66 24.03 -15.77
CA GLY D 26 -14.59 23.84 -14.34
C GLY D 26 -13.23 23.38 -13.86
N ILE D 27 -12.53 22.62 -14.68
CA ILE D 27 -11.18 22.15 -14.41
C ILE D 27 -10.21 22.94 -15.26
N THR D 28 -9.16 23.47 -14.63
CA THR D 28 -8.14 24.25 -15.33
C THR D 28 -7.05 23.31 -15.83
N VAL D 29 -6.82 23.32 -17.15
CA VAL D 29 -5.84 22.41 -17.74
C VAL D 29 -4.43 22.77 -17.30
N SER D 30 -4.10 24.06 -17.32
CA SER D 30 -2.74 24.52 -17.05
C SER D 30 -2.28 24.22 -15.62
N SER D 31 -3.18 23.85 -14.72
CA SER D 31 -2.83 23.55 -13.34
C SER D 31 -3.22 22.12 -12.96
N ASN D 32 -3.17 21.20 -13.92
CA ASN D 32 -3.55 19.82 -13.68
C ASN D 32 -2.70 18.88 -14.50
N TYR D 33 -2.54 17.66 -14.01
CA TYR D 33 -1.95 16.57 -14.79
C TYR D 33 -2.96 16.14 -15.84
N MET D 34 -2.74 16.56 -17.09
CA MET D 34 -3.61 16.22 -18.19
C MET D 34 -2.93 15.18 -19.07
N THR D 35 -3.63 14.09 -19.37
CA THR D 35 -3.08 12.97 -20.11
C THR D 35 -3.95 12.65 -21.31
N TRP D 36 -3.37 11.91 -22.26
CA TRP D 36 -4.09 11.35 -23.39
C TRP D 36 -3.99 9.84 -23.34
N VAL D 37 -5.13 9.16 -23.46
CA VAL D 37 -5.19 7.70 -23.42
C VAL D 37 -6.01 7.22 -24.62
N ARG D 38 -5.42 6.33 -25.41
CA ARG D 38 -6.09 5.77 -26.58
C ARG D 38 -6.45 4.31 -26.33
N GLN D 39 -7.51 3.87 -26.99
CA GLN D 39 -8.00 2.49 -26.87
C GLN D 39 -8.23 1.95 -28.28
N ALA D 40 -7.38 1.01 -28.70
CA ALA D 40 -7.54 0.39 -30.01
C ALA D 40 -8.89 -0.31 -30.09
N PRO D 41 -9.47 -0.42 -31.30
CA PRO D 41 -10.79 -1.05 -31.43
C PRO D 41 -10.83 -2.48 -30.91
N GLY D 42 -11.24 -2.64 -29.65
CA GLY D 42 -11.38 -3.95 -29.05
C GLY D 42 -10.21 -4.42 -28.22
N LYS D 43 -9.30 -3.54 -27.85
CA LYS D 43 -8.17 -3.88 -26.99
C LYS D 43 -8.28 -3.11 -25.68
N GLY D 44 -7.24 -3.21 -24.86
CA GLY D 44 -7.20 -2.51 -23.59
C GLY D 44 -6.90 -1.04 -23.76
N LEU D 45 -6.58 -0.39 -22.64
CA LEU D 45 -6.24 1.02 -22.60
C LEU D 45 -4.72 1.18 -22.60
N GLU D 46 -4.24 2.14 -23.41
CA GLU D 46 -2.82 2.42 -23.52
C GLU D 46 -2.61 3.92 -23.31
N TRP D 47 -1.99 4.29 -22.20
CA TRP D 47 -1.62 5.68 -21.98
C TRP D 47 -0.63 6.13 -23.05
N VAL D 48 -0.78 7.37 -23.49
CA VAL D 48 0.00 7.91 -24.60
C VAL D 48 0.92 9.04 -24.14
N SER D 49 0.34 10.11 -23.59
CA SER D 49 1.13 11.28 -23.24
C SER D 49 0.55 11.93 -21.99
N LEU D 50 1.29 12.91 -21.48
CA LEU D 50 0.81 13.71 -20.36
C LEU D 50 1.51 15.06 -20.40
N LEU D 51 0.96 16.01 -19.65
CA LEU D 51 1.55 17.33 -19.50
C LEU D 51 1.41 17.75 -18.05
N TYR D 52 2.54 18.08 -17.41
CA TYR D 52 2.51 18.54 -16.04
C TYR D 52 1.92 19.95 -15.96
N ALA D 53 1.51 20.32 -14.74
CA ALA D 53 1.11 21.70 -14.50
C ALA D 53 2.27 22.65 -14.71
N GLY D 54 3.50 22.17 -14.51
CA GLY D 54 4.69 22.97 -14.72
C GLY D 54 5.23 23.00 -16.13
N GLY D 55 4.62 22.25 -17.05
CA GLY D 55 5.00 22.28 -18.45
C GLY D 55 5.78 21.07 -18.92
N SER D 56 6.23 20.20 -18.01
CA SER D 56 6.98 19.02 -18.42
C SER D 56 6.06 18.05 -19.17
N ALA D 57 6.56 17.53 -20.29
CA ALA D 57 5.82 16.59 -21.11
C ALA D 57 6.52 15.24 -21.11
N PHE D 58 5.71 14.18 -21.18
CA PHE D 58 6.23 12.82 -21.26
C PHE D 58 5.33 12.02 -22.20
N TYR D 59 5.94 11.05 -22.89
CA TYR D 59 5.26 10.29 -23.92
C TYR D 59 5.60 8.82 -23.78
N ALA D 60 4.70 7.98 -24.30
CA ALA D 60 4.95 6.55 -24.33
C ALA D 60 5.90 6.20 -25.47
N ASP D 61 6.53 5.03 -25.36
CA ASP D 61 7.54 4.62 -26.33
C ASP D 61 6.93 4.42 -27.72
N SER D 62 5.65 4.05 -27.79
CA SER D 62 5.03 3.77 -29.08
C SER D 62 4.66 5.04 -29.85
N VAL D 63 4.79 6.22 -29.23
CA VAL D 63 4.44 7.47 -29.88
C VAL D 63 5.53 8.52 -29.76
N LYS D 64 6.69 8.19 -29.19
CA LYS D 64 7.75 9.16 -29.01
C LYS D 64 8.24 9.67 -30.35
N GLY D 65 8.48 10.98 -30.43
CA GLY D 65 8.93 11.61 -31.66
C GLY D 65 7.85 11.87 -32.68
N ARG D 66 6.67 11.25 -32.55
CA ARG D 66 5.58 11.44 -33.48
C ARG D 66 4.43 12.26 -32.92
N PHE D 67 4.21 12.21 -31.61
CA PHE D 67 3.12 12.93 -30.97
C PHE D 67 3.67 14.08 -30.13
N THR D 68 2.81 15.07 -29.89
CA THR D 68 3.17 16.24 -29.10
C THR D 68 1.94 16.74 -28.38
N ILE D 69 2.06 16.94 -27.06
CA ILE D 69 0.96 17.40 -26.23
C ILE D 69 1.21 18.85 -25.87
N SER D 70 0.15 19.66 -25.91
CA SER D 70 0.23 21.08 -25.59
C SER D 70 -1.08 21.51 -24.97
N ARG D 71 -1.20 22.82 -24.70
CA ARG D 71 -2.38 23.37 -24.08
C ARG D 71 -2.46 24.85 -24.40
N ASP D 72 -3.64 25.41 -24.13
CA ASP D 72 -3.87 26.85 -24.28
C ASP D 72 -4.65 27.32 -23.07
N ASN D 73 -4.03 28.19 -22.27
CA ASN D 73 -4.64 28.63 -21.02
C ASN D 73 -5.79 29.61 -21.25
N SER D 74 -5.70 30.44 -22.30
CA SER D 74 -6.79 31.37 -22.59
C SER D 74 -8.04 30.62 -23.04
N LYS D 75 -7.89 29.58 -23.85
CA LYS D 75 -9.00 28.76 -24.29
C LYS D 75 -9.28 27.60 -23.34
N ASN D 76 -8.38 27.31 -22.40
CA ASN D 76 -8.51 26.23 -21.44
C ASN D 76 -8.80 24.91 -22.14
N THR D 77 -7.89 24.56 -23.06
CA THR D 77 -8.08 23.39 -23.91
C THR D 77 -6.76 22.61 -24.00
N LEU D 78 -6.85 21.30 -23.86
CA LEU D 78 -5.71 20.41 -24.04
C LEU D 78 -5.65 19.95 -25.49
N TYR D 79 -4.44 19.90 -26.03
CA TYR D 79 -4.24 19.52 -27.42
C TYR D 79 -3.33 18.30 -27.51
N LEU D 80 -3.42 17.61 -28.65
CA LEU D 80 -2.51 16.50 -28.95
C LEU D 80 -2.25 16.50 -30.44
N LEU D 81 -1.04 16.87 -30.82
CA LEU D 81 -0.62 16.85 -32.22
C LEU D 81 -0.08 15.48 -32.57
N MET D 82 -0.48 14.97 -33.74
CA MET D 82 -0.10 13.63 -34.18
C MET D 82 0.49 13.71 -35.58
N ASN D 83 1.71 13.24 -35.73
CA ASN D 83 2.41 13.23 -37.01
C ASN D 83 2.89 11.84 -37.34
N SER D 84 3.07 11.58 -38.64
CA SER D 84 3.57 10.30 -39.15
C SER D 84 2.70 9.14 -38.64
N LEU D 85 1.40 9.24 -38.90
CA LEU D 85 0.45 8.27 -38.39
C LEU D 85 0.50 6.98 -39.19
N ARG D 86 0.16 5.88 -38.52
CA ARG D 86 0.04 4.58 -39.16
C ARG D 86 -1.22 3.90 -38.61
N VAL D 87 -1.49 2.69 -39.12
CA VAL D 87 -2.73 2.00 -38.76
C VAL D 87 -2.71 1.58 -37.30
N GLY D 88 -1.52 1.35 -36.73
CA GLY D 88 -1.42 1.05 -35.31
C GLY D 88 -1.94 2.17 -34.42
N ASP D 89 -1.96 3.40 -34.91
CA ASP D 89 -2.46 4.53 -34.15
C ASP D 89 -3.97 4.69 -34.23
N THR D 90 -4.65 3.89 -35.06
CA THR D 90 -6.10 3.96 -35.15
C THR D 90 -6.74 3.48 -33.85
N ALA D 91 -7.43 4.38 -33.17
CA ALA D 91 -8.02 4.08 -31.87
C ALA D 91 -8.99 5.21 -31.51
N VAL D 92 -9.67 5.04 -30.38
CA VAL D 92 -10.50 6.08 -29.79
C VAL D 92 -9.66 6.78 -28.72
N TYR D 93 -9.37 8.06 -28.94
CA TYR D 93 -8.50 8.81 -28.06
C TYR D 93 -9.31 9.56 -27.02
N TYR D 94 -8.93 9.39 -25.75
CA TYR D 94 -9.57 10.06 -24.63
C TYR D 94 -8.61 11.06 -24.00
N CYS D 95 -9.17 12.10 -23.39
CA CYS D 95 -8.42 13.02 -22.55
C CYS D 95 -9.00 12.98 -21.15
N ALA D 96 -8.12 13.02 -20.15
CA ALA D 96 -8.55 12.91 -18.76
C ALA D 96 -7.61 13.69 -17.87
N ARG D 97 -8.17 14.27 -16.81
CA ARG D 97 -7.39 14.94 -15.79
C ARG D 97 -6.86 13.91 -14.80
N ASP D 98 -5.56 13.95 -14.53
CA ASP D 98 -4.93 12.98 -13.65
C ASP D 98 -4.73 13.58 -12.26
N LEU D 99 -5.00 12.75 -11.25
CA LEU D 99 -4.75 13.09 -9.86
C LEU D 99 -3.63 12.25 -9.26
N GLN D 100 -2.94 11.46 -10.08
CA GLN D 100 -1.79 10.67 -9.66
C GLN D 100 -2.19 9.64 -8.62
N VAL D 101 -2.09 9.99 -7.33
CA VAL D 101 -2.51 9.08 -6.27
C VAL D 101 -4.01 8.81 -6.35
N TYR D 102 -4.80 9.84 -6.67
CA TYR D 102 -6.25 9.73 -6.72
C TYR D 102 -6.76 9.35 -8.12
N GLY D 103 -5.89 8.85 -8.98
CA GLY D 103 -6.32 8.33 -10.27
C GLY D 103 -6.78 9.38 -11.26
N MET D 104 -7.50 8.92 -12.27
CA MET D 104 -8.06 9.77 -13.32
C MET D 104 -9.57 9.78 -13.16
N ASP D 105 -10.10 10.87 -12.62
CA ASP D 105 -11.52 10.93 -12.28
C ASP D 105 -12.37 11.33 -13.49
N VAL D 106 -12.08 12.48 -14.09
CA VAL D 106 -12.89 13.04 -15.15
C VAL D 106 -12.28 12.65 -16.50
N TRP D 107 -13.09 12.05 -17.36
CA TRP D 107 -12.68 11.63 -18.70
C TRP D 107 -13.52 12.34 -19.75
N GLY D 108 -12.92 12.55 -20.92
CA GLY D 108 -13.66 13.05 -22.05
C GLY D 108 -14.52 11.98 -22.68
N GLN D 109 -15.42 12.42 -23.56
CA GLN D 109 -16.30 11.46 -24.24
C GLN D 109 -15.55 10.64 -25.28
N GLY D 110 -14.41 11.13 -25.75
CA GLY D 110 -13.59 10.38 -26.68
C GLY D 110 -13.92 10.61 -28.14
N THR D 111 -12.89 10.89 -28.94
CA THR D 111 -13.03 11.04 -30.38
C THR D 111 -12.29 9.91 -31.09
N THR D 112 -12.78 9.53 -32.26
CA THR D 112 -12.28 8.38 -32.99
C THR D 112 -11.37 8.83 -34.13
N VAL D 113 -10.22 8.17 -34.27
CA VAL D 113 -9.26 8.44 -35.33
C VAL D 113 -9.08 7.17 -36.14
N THR D 114 -9.34 7.24 -37.43
CA THR D 114 -9.20 6.11 -38.35
C THR D 114 -8.12 6.43 -39.36
N VAL D 115 -7.05 5.64 -39.36
CA VAL D 115 -5.92 5.85 -40.26
C VAL D 115 -5.92 4.70 -41.25
N SER D 116 -6.34 4.97 -42.49
CA SER D 116 -6.36 3.96 -43.53
C SER D 116 -6.16 4.67 -44.88
N SER D 117 -6.33 3.91 -45.96
CA SER D 117 -6.14 4.45 -47.31
C SER D 117 -7.29 5.39 -47.69
N ALA D 118 -7.47 5.60 -48.98
CA ALA D 118 -8.53 6.47 -49.47
C ALA D 118 -9.10 5.85 -50.74
N SER D 119 -9.73 6.67 -51.57
CA SER D 119 -10.34 6.25 -52.84
C SER D 119 -11.32 5.14 -52.53
N THR D 120 -11.31 4.01 -53.25
CA THR D 120 -12.20 2.89 -52.98
C THR D 120 -11.71 1.65 -53.71
N LYS D 121 -11.43 0.58 -52.97
CA LYS D 121 -10.92 -0.66 -53.55
C LYS D 121 -11.99 -1.74 -53.48
N GLY D 122 -12.24 -2.39 -54.62
CA GLY D 122 -13.16 -3.49 -54.68
C GLY D 122 -12.54 -4.77 -54.13
N PRO D 123 -13.37 -5.63 -53.55
CA PRO D 123 -12.85 -6.84 -52.92
C PRO D 123 -12.56 -7.94 -53.93
N SER D 124 -11.71 -8.87 -53.49
CA SER D 124 -11.47 -10.12 -54.20
C SER D 124 -12.22 -11.23 -53.48
N VAL D 125 -13.06 -11.96 -54.21
CA VAL D 125 -13.94 -12.96 -53.64
C VAL D 125 -13.38 -14.34 -53.96
N PHE D 126 -13.20 -15.16 -52.92
CA PHE D 126 -12.70 -16.51 -53.06
C PHE D 126 -13.68 -17.51 -52.44
N PRO D 127 -13.91 -18.65 -53.10
CA PRO D 127 -14.85 -19.63 -52.55
C PRO D 127 -14.22 -20.39 -51.39
N LEU D 128 -15.02 -20.61 -50.35
CA LEU D 128 -14.63 -21.43 -49.20
C LEU D 128 -15.36 -22.76 -49.36
N ALA D 129 -14.68 -23.71 -50.00
CA ALA D 129 -15.29 -24.98 -50.38
C ALA D 129 -15.66 -25.80 -49.14
N PRO D 130 -16.74 -26.57 -49.20
CA PRO D 130 -17.08 -27.45 -48.09
C PRO D 130 -16.13 -28.64 -48.03
N SER D 131 -15.74 -29.00 -46.81
CA SER D 131 -14.75 -30.06 -46.62
C SER D 131 -15.32 -31.41 -47.05
N SER D 132 -14.41 -32.31 -47.46
CA SER D 132 -14.78 -33.65 -47.87
C SER D 132 -14.99 -34.59 -46.69
N LYS D 133 -14.71 -34.15 -45.46
CA LYS D 133 -14.89 -34.98 -44.29
C LYS D 133 -16.22 -34.69 -43.61
N GLY D 138 -23.42 -34.54 -40.11
CA GLY D 138 -24.54 -34.57 -41.03
C GLY D 138 -24.77 -33.26 -41.76
N THR D 139 -24.02 -32.23 -41.35
CA THR D 139 -24.12 -30.91 -41.95
C THR D 139 -22.74 -30.49 -42.48
N ALA D 140 -22.76 -29.53 -43.40
CA ALA D 140 -21.53 -29.01 -44.00
C ALA D 140 -21.63 -27.50 -44.10
N ALA D 141 -20.49 -26.83 -43.93
CA ALA D 141 -20.42 -25.38 -43.94
C ALA D 141 -19.55 -24.92 -45.10
N LEU D 142 -20.10 -24.03 -45.93
CA LEU D 142 -19.37 -23.42 -47.02
C LEU D 142 -19.60 -21.92 -46.99
N GLY D 143 -18.70 -21.17 -47.61
CA GLY D 143 -18.80 -19.73 -47.54
C GLY D 143 -18.01 -19.03 -48.63
N CYS D 144 -17.91 -17.71 -48.47
CA CYS D 144 -17.19 -16.85 -49.42
C CYS D 144 -16.31 -15.88 -48.65
N LEU D 145 -15.07 -15.73 -49.12
CA LEU D 145 -14.11 -14.82 -48.50
C LEU D 145 -14.12 -13.50 -49.27
N VAL D 146 -14.67 -12.46 -48.65
CA VAL D 146 -14.66 -11.12 -49.21
C VAL D 146 -13.43 -10.42 -48.64
N LYS D 147 -12.36 -10.35 -49.43
CA LYS D 147 -11.04 -9.98 -48.95
C LYS D 147 -10.59 -8.65 -49.55
N ASP D 148 -9.96 -7.83 -48.72
CA ASP D 148 -9.31 -6.59 -49.15
C ASP D 148 -10.25 -5.65 -49.89
N TYR D 149 -11.10 -4.95 -49.15
CA TYR D 149 -11.97 -3.92 -49.72
C TYR D 149 -11.99 -2.71 -48.81
N PHE D 150 -12.33 -1.56 -49.40
CA PHE D 150 -12.45 -0.32 -48.66
C PHE D 150 -13.26 0.65 -49.48
N PRO D 151 -14.20 1.39 -48.88
CA PRO D 151 -14.55 1.26 -47.46
C PRO D 151 -15.70 0.29 -47.22
N GLU D 152 -16.09 0.13 -45.97
CA GLU D 152 -17.28 -0.64 -45.65
C GLU D 152 -18.53 0.08 -46.18
N PRO D 153 -19.64 -0.66 -46.36
CA PRO D 153 -19.78 -2.10 -46.21
C PRO D 153 -19.92 -2.85 -47.52
N VAL D 154 -19.90 -4.18 -47.45
CA VAL D 154 -20.29 -5.03 -48.57
C VAL D 154 -21.51 -5.82 -48.14
N THR D 155 -22.37 -6.14 -49.10
CA THR D 155 -23.54 -6.96 -48.87
C THR D 155 -23.34 -8.30 -49.55
N VAL D 156 -23.65 -9.38 -48.83
CA VAL D 156 -23.50 -10.73 -49.34
C VAL D 156 -24.85 -11.43 -49.24
N SER D 157 -25.36 -11.89 -50.38
CA SER D 157 -26.53 -12.73 -50.45
C SER D 157 -26.15 -14.06 -51.10
N TRP D 158 -27.02 -15.05 -50.95
CA TRP D 158 -26.78 -16.38 -51.47
C TRP D 158 -27.88 -16.77 -52.45
N ASN D 159 -27.48 -17.15 -53.65
CA ASN D 159 -28.40 -17.52 -54.73
C ASN D 159 -29.41 -16.40 -54.97
N SER D 160 -28.91 -15.17 -55.01
CA SER D 160 -29.73 -13.97 -55.26
C SER D 160 -30.85 -13.84 -54.24
N GLY D 161 -30.53 -14.07 -52.96
CA GLY D 161 -31.50 -13.93 -51.91
C GLY D 161 -32.46 -15.09 -51.74
N ALA D 162 -32.38 -16.12 -52.57
CA ALA D 162 -33.26 -17.27 -52.43
C ALA D 162 -32.90 -18.13 -51.22
N LEU D 163 -31.71 -17.94 -50.66
CA LEU D 163 -31.23 -18.68 -49.50
C LEU D 163 -30.93 -17.69 -48.39
N THR D 164 -31.67 -17.80 -47.28
CA THR D 164 -31.52 -16.84 -46.19
C THR D 164 -31.26 -17.54 -44.86
N SER D 165 -32.09 -18.53 -44.51
CA SER D 165 -31.95 -19.20 -43.23
C SER D 165 -30.70 -20.08 -43.22
N GLY D 166 -29.89 -19.92 -42.18
CA GLY D 166 -28.60 -20.57 -42.09
C GLY D 166 -27.44 -19.70 -42.53
N VAL D 167 -27.71 -18.64 -43.31
CA VAL D 167 -26.66 -17.72 -43.72
C VAL D 167 -26.22 -16.90 -42.51
N HIS D 168 -24.90 -16.82 -42.31
CA HIS D 168 -24.32 -16.04 -41.23
C HIS D 168 -23.15 -15.25 -41.81
N THR D 169 -23.35 -13.94 -42.01
CA THR D 169 -22.32 -13.06 -42.52
C THR D 169 -21.61 -12.41 -41.34
N PHE D 170 -20.32 -12.71 -41.16
CA PHE D 170 -19.57 -12.25 -40.02
C PHE D 170 -19.10 -10.81 -40.19
N PRO D 171 -18.99 -10.06 -39.09
CA PRO D 171 -18.44 -8.71 -39.19
C PRO D 171 -17.03 -8.72 -39.74
N ALA D 172 -16.66 -7.63 -40.40
CA ALA D 172 -15.40 -7.56 -41.11
C ALA D 172 -14.25 -7.22 -40.16
N VAL D 173 -13.05 -7.62 -40.56
CA VAL D 173 -11.83 -7.25 -39.86
C VAL D 173 -11.27 -5.99 -40.50
N LEU D 174 -10.55 -5.20 -39.70
CA LEU D 174 -9.78 -4.07 -40.20
C LEU D 174 -8.32 -4.50 -40.13
N GLN D 175 -7.82 -5.02 -41.25
CA GLN D 175 -6.43 -5.45 -41.31
C GLN D 175 -5.50 -4.26 -41.06
N SER D 176 -4.27 -4.58 -40.63
CA SER D 176 -3.26 -3.55 -40.46
C SER D 176 -2.93 -2.82 -41.76
N SER D 177 -3.36 -3.36 -42.90
CA SER D 177 -3.23 -2.69 -44.18
C SER D 177 -4.28 -1.61 -44.40
N GLY D 178 -5.21 -1.44 -43.47
CA GLY D 178 -6.31 -0.52 -43.64
C GLY D 178 -7.46 -1.03 -44.48
N LEU D 179 -7.31 -2.21 -45.09
CA LEU D 179 -8.36 -2.79 -45.90
C LEU D 179 -9.21 -3.74 -45.07
N TYR D 180 -10.46 -3.92 -45.48
CA TYR D 180 -11.40 -4.76 -44.77
C TYR D 180 -11.52 -6.13 -45.42
N SER D 181 -11.89 -7.13 -44.61
CA SER D 181 -12.14 -8.47 -45.10
C SER D 181 -13.20 -9.11 -44.21
N LEU D 182 -14.16 -9.77 -44.84
CA LEU D 182 -15.20 -10.49 -44.10
C LEU D 182 -15.47 -11.82 -44.78
N SER D 183 -16.24 -12.66 -44.10
CA SER D 183 -16.65 -13.96 -44.62
C SER D 183 -18.14 -14.16 -44.34
N SER D 184 -18.82 -14.80 -45.29
CA SER D 184 -20.23 -15.12 -45.17
C SER D 184 -20.39 -16.62 -45.40
N VAL D 185 -20.91 -17.32 -44.40
CA VAL D 185 -21.02 -18.77 -44.46
C VAL D 185 -22.49 -19.18 -44.33
N VAL D 186 -22.82 -20.29 -44.97
CA VAL D 186 -24.14 -20.91 -44.85
C VAL D 186 -23.92 -22.39 -44.56
N THR D 187 -24.49 -22.87 -43.46
CA THR D 187 -24.32 -24.25 -43.03
C THR D 187 -25.46 -25.08 -43.59
N VAL D 188 -25.15 -25.92 -44.59
CA VAL D 188 -26.18 -26.68 -45.30
C VAL D 188 -26.07 -28.15 -44.93
N PRO D 189 -27.12 -28.95 -45.14
CA PRO D 189 -27.00 -30.39 -44.91
C PRO D 189 -26.02 -31.03 -45.88
N SER D 190 -25.32 -32.06 -45.40
CA SER D 190 -24.25 -32.67 -46.18
C SER D 190 -24.79 -33.39 -47.41
N SER D 191 -26.04 -33.87 -47.37
CA SER D 191 -26.59 -34.66 -48.47
C SER D 191 -26.90 -33.83 -49.70
N SER D 192 -26.89 -32.50 -49.61
CA SER D 192 -27.26 -31.64 -50.72
C SER D 192 -26.05 -31.04 -51.44
N LEU D 193 -24.83 -31.33 -50.99
CA LEU D 193 -23.64 -30.71 -51.56
C LEU D 193 -23.45 -31.06 -53.04
N GLY D 194 -24.06 -32.14 -53.52
CA GLY D 194 -23.86 -32.55 -54.89
C GLY D 194 -25.00 -32.18 -55.83
N THR D 195 -26.20 -31.99 -55.28
CA THR D 195 -27.37 -31.72 -56.10
C THR D 195 -27.76 -30.25 -56.16
N GLN D 196 -27.26 -29.42 -55.25
CA GLN D 196 -27.61 -28.01 -55.19
C GLN D 196 -26.39 -27.16 -55.55
N THR D 197 -26.66 -26.00 -56.17
CA THR D 197 -25.63 -25.04 -56.51
C THR D 197 -25.72 -23.85 -55.57
N TYR D 198 -24.57 -23.45 -55.03
CA TYR D 198 -24.49 -22.33 -54.09
C TYR D 198 -23.63 -21.23 -54.67
N ILE D 199 -24.18 -20.02 -54.74
CA ILE D 199 -23.51 -18.88 -55.33
C ILE D 199 -23.72 -17.67 -54.41
N CYS D 200 -22.63 -17.09 -53.92
CA CYS D 200 -22.71 -15.89 -53.09
C CYS D 200 -22.65 -14.66 -53.97
N ASN D 201 -23.48 -13.68 -53.66
CA ASN D 201 -23.60 -12.44 -54.43
C ASN D 201 -23.03 -11.31 -53.58
N VAL D 202 -21.77 -10.99 -53.80
CA VAL D 202 -21.07 -9.94 -53.04
C VAL D 202 -21.18 -8.64 -53.81
N ASN D 203 -21.63 -7.59 -53.13
CA ASN D 203 -21.77 -6.27 -53.73
C ASN D 203 -20.99 -5.26 -52.89
N HIS D 204 -20.19 -4.43 -53.56
CA HIS D 204 -19.48 -3.33 -52.93
C HIS D 204 -19.91 -2.05 -53.64
N LYS D 205 -20.86 -1.34 -53.03
CA LYS D 205 -21.44 -0.16 -53.66
C LYS D 205 -20.42 0.93 -53.99
N PRO D 206 -19.52 1.33 -53.08
CA PRO D 206 -18.63 2.45 -53.41
C PRO D 206 -17.72 2.18 -54.61
N SER D 207 -17.37 0.92 -54.86
CA SER D 207 -16.57 0.56 -56.03
C SER D 207 -17.41 0.08 -57.19
N ASN D 208 -18.74 0.06 -57.05
CA ASN D 208 -19.64 -0.46 -58.08
C ASN D 208 -19.27 -1.90 -58.44
N THR D 209 -18.97 -2.70 -57.42
CA THR D 209 -18.53 -4.08 -57.60
C THR D 209 -19.70 -5.03 -57.37
N LYS D 210 -19.88 -5.96 -58.31
CA LYS D 210 -20.94 -6.97 -58.23
C LYS D 210 -20.33 -8.30 -58.63
N VAL D 211 -20.02 -9.14 -57.65
CA VAL D 211 -19.34 -10.41 -57.87
C VAL D 211 -20.27 -11.54 -57.45
N ASP D 212 -20.44 -12.53 -58.34
CA ASP D 212 -21.17 -13.76 -58.05
C ASP D 212 -20.19 -14.91 -58.17
N LYS D 213 -19.91 -15.58 -57.06
CA LYS D 213 -18.91 -16.63 -57.00
C LYS D 213 -19.57 -17.97 -56.69
N ARG D 214 -19.31 -18.97 -57.53
CA ARG D 214 -19.80 -20.31 -57.28
C ARG D 214 -18.86 -21.05 -56.35
N VAL D 215 -19.44 -21.76 -55.38
CA VAL D 215 -18.68 -22.48 -54.37
C VAL D 215 -18.98 -23.96 -54.53
N GLU D 216 -18.01 -24.70 -55.06
CA GLU D 216 -18.12 -26.13 -55.29
C GLU D 216 -17.17 -26.90 -54.38
N PRO D 217 -17.43 -28.18 -54.13
CA PRO D 217 -16.51 -28.97 -53.29
C PRO D 217 -15.13 -29.08 -53.92
N LYS D 218 -14.11 -29.13 -53.06
CA LYS D 218 -12.73 -29.16 -53.53
C LYS D 218 -12.41 -30.49 -54.19
N SER D 219 -11.82 -30.43 -55.37
CA SER D 219 -11.44 -31.64 -56.10
C SER D 219 -10.01 -32.03 -55.78
N LEU E 4 0.75 -5.58 -16.13
CA LEU E 4 -0.43 -5.94 -15.36
C LEU E 4 -1.20 -7.07 -16.04
N THR E 5 -1.59 -8.07 -15.26
CA THR E 5 -2.34 -9.22 -15.76
C THR E 5 -3.73 -9.22 -15.12
N GLN E 6 -4.75 -9.22 -15.97
CA GLN E 6 -6.14 -9.35 -15.57
C GLN E 6 -6.76 -10.56 -16.27
N PRO E 7 -7.71 -11.24 -15.62
CA PRO E 7 -8.38 -12.35 -16.26
C PRO E 7 -9.17 -11.86 -17.48
N PRO E 8 -9.34 -12.70 -18.49
CA PRO E 8 -10.12 -12.26 -19.67
C PRO E 8 -11.56 -11.90 -19.33
N SER E 9 -12.25 -12.75 -18.57
CA SER E 9 -13.65 -12.47 -18.26
C SER E 9 -14.05 -13.22 -16.99
N VAL E 10 -15.03 -12.65 -16.29
CA VAL E 10 -15.69 -13.30 -15.16
C VAL E 10 -17.16 -13.47 -15.50
N SER E 11 -17.78 -14.46 -14.86
CA SER E 11 -19.20 -14.74 -15.04
C SER E 11 -19.82 -14.96 -13.68
N VAL E 12 -20.75 -14.10 -13.29
CA VAL E 12 -21.36 -14.13 -11.97
C VAL E 12 -22.88 -14.11 -12.12
N ALA E 13 -23.56 -14.93 -11.32
CA ALA E 13 -25.00 -14.91 -11.29
C ALA E 13 -25.49 -13.56 -10.78
N PRO E 14 -26.67 -13.11 -11.23
CA PRO E 14 -27.22 -11.85 -10.72
C PRO E 14 -27.47 -11.92 -9.22
N GLY E 15 -27.11 -10.83 -8.53
CA GLY E 15 -27.22 -10.77 -7.08
C GLY E 15 -26.01 -11.30 -6.34
N GLN E 16 -25.16 -12.08 -6.99
CA GLN E 16 -23.96 -12.62 -6.37
C GLN E 16 -22.85 -11.57 -6.44
N THR E 17 -21.63 -11.95 -6.07
CA THR E 17 -20.50 -11.04 -5.98
C THR E 17 -19.40 -11.47 -6.93
N ALA E 18 -18.79 -10.48 -7.61
CA ALA E 18 -17.65 -10.71 -8.46
C ALA E 18 -16.36 -10.30 -7.77
N ARG E 19 -15.26 -10.91 -8.19
CA ARG E 19 -13.94 -10.56 -7.72
C ARG E 19 -13.00 -10.55 -8.91
N ILE E 20 -12.34 -9.42 -9.15
CA ILE E 20 -11.47 -9.22 -10.31
C ILE E 20 -10.07 -8.99 -9.80
N THR E 21 -9.13 -9.82 -10.25
CA THR E 21 -7.75 -9.77 -9.78
C THR E 21 -6.88 -8.96 -10.73
N CYS E 22 -5.83 -8.37 -10.17
CA CYS E 22 -4.86 -7.56 -10.92
C CYS E 22 -3.49 -7.89 -10.37
N GLY E 23 -2.70 -8.64 -11.14
CA GLY E 23 -1.42 -9.13 -10.65
C GLY E 23 -0.20 -8.45 -11.23
N GLY E 24 0.92 -8.52 -10.51
CA GLY E 24 2.16 -7.93 -10.97
C GLY E 24 3.24 -8.15 -9.93
N ASN E 25 4.42 -7.62 -10.25
CA ASN E 25 5.57 -7.73 -9.36
C ASN E 25 5.68 -6.48 -8.49
N ASN E 26 6.05 -6.70 -7.22
CA ASN E 26 6.22 -5.63 -6.24
C ASN E 26 4.96 -4.78 -6.14
N ASP E 27 3.87 -5.42 -5.72
CA ASP E 27 2.58 -4.76 -5.54
C ASP E 27 2.36 -4.33 -4.10
N GLY E 28 3.38 -3.74 -3.48
CA GLY E 28 3.25 -3.26 -2.11
C GLY E 28 3.31 -1.75 -2.03
N ALA E 29 4.40 -1.15 -2.55
CA ALA E 29 4.52 0.30 -2.54
C ALA E 29 3.50 0.95 -3.46
N LYS E 30 3.45 0.52 -4.72
CA LYS E 30 2.54 1.11 -5.69
C LYS E 30 1.08 0.84 -5.34
N SER E 31 0.22 1.81 -5.67
CA SER E 31 -1.20 1.72 -5.40
C SER E 31 -1.94 1.23 -6.65
N VAL E 32 -3.26 1.10 -6.52
CA VAL E 32 -4.09 0.52 -7.58
C VAL E 32 -5.32 1.39 -7.77
N HIS E 33 -5.71 1.59 -9.04
CA HIS E 33 -6.94 2.27 -9.39
C HIS E 33 -7.74 1.38 -10.32
N TRP E 34 -9.07 1.54 -10.29
CA TRP E 34 -9.97 0.73 -11.10
C TRP E 34 -10.88 1.62 -11.92
N TYR E 35 -11.25 1.14 -13.11
CA TYR E 35 -12.08 1.89 -14.04
C TYR E 35 -13.15 0.99 -14.63
N GLN E 36 -14.34 1.54 -14.81
CA GLN E 36 -15.46 0.86 -15.45
C GLN E 36 -15.71 1.49 -16.81
N GLN E 37 -15.84 0.64 -17.84
CA GLN E 37 -16.09 1.11 -19.20
C GLN E 37 -17.29 0.37 -19.76
N LYS E 38 -18.46 1.03 -19.70
CA LYS E 38 -19.65 0.49 -20.32
C LYS E 38 -19.54 0.62 -21.84
N PRO E 39 -20.27 -0.20 -22.59
CA PRO E 39 -20.12 -0.18 -24.05
C PRO E 39 -20.41 1.19 -24.64
N GLY E 40 -19.52 1.65 -25.52
CA GLY E 40 -19.66 2.94 -26.14
C GLY E 40 -19.50 4.11 -25.20
N GLN E 41 -18.92 3.89 -24.03
CA GLN E 41 -18.76 4.93 -23.02
C GLN E 41 -17.29 5.11 -22.68
N ALA E 42 -16.98 6.27 -22.13
CA ALA E 42 -15.64 6.51 -21.61
C ALA E 42 -15.47 5.77 -20.28
N PRO E 43 -14.23 5.44 -19.92
CA PRO E 43 -13.99 4.83 -18.61
C PRO E 43 -14.41 5.77 -17.49
N VAL E 44 -14.79 5.18 -16.36
CA VAL E 44 -15.19 5.93 -15.18
C VAL E 44 -14.45 5.36 -13.98
N LEU E 45 -13.68 6.21 -13.29
CA LEU E 45 -12.96 5.78 -12.11
C LEU E 45 -13.93 5.31 -11.04
N VAL E 46 -13.82 4.04 -10.66
CA VAL E 46 -14.71 3.46 -9.67
C VAL E 46 -14.03 3.27 -8.31
N VAL E 47 -12.73 2.97 -8.28
CA VAL E 47 -12.00 2.77 -7.04
C VAL E 47 -10.62 3.38 -7.21
N TYR E 48 -10.19 4.21 -6.26
CA TYR E 48 -8.86 4.81 -6.31
C TYR E 48 -8.12 4.53 -5.02
N ASP E 49 -6.79 4.54 -5.10
CA ASP E 49 -5.92 4.27 -3.95
C ASP E 49 -6.35 3.00 -3.21
N ASP E 50 -6.33 1.89 -3.96
CA ASP E 50 -6.64 0.56 -3.45
C ASP E 50 -8.11 0.41 -3.04
N SER E 51 -8.58 1.19 -2.07
CA SER E 51 -9.87 0.92 -1.44
C SER E 51 -10.83 2.09 -1.36
N ASP E 52 -10.50 3.25 -1.94
CA ASP E 52 -11.37 4.41 -1.83
C ASP E 52 -12.42 4.42 -2.94
N ARG E 53 -13.66 4.72 -2.55
CA ARG E 53 -14.75 4.92 -3.50
C ARG E 53 -15.00 6.41 -3.65
N PRO E 54 -14.91 6.97 -4.87
CA PRO E 54 -15.23 8.39 -5.04
C PRO E 54 -16.71 8.65 -4.82
N SER E 55 -17.05 9.94 -4.75
CA SER E 55 -18.41 10.35 -4.42
C SER E 55 -19.40 9.92 -5.49
N GLY E 56 -20.48 9.27 -5.06
CA GLY E 56 -21.58 8.94 -5.94
C GLY E 56 -21.55 7.54 -6.53
N ILE E 57 -20.59 6.71 -6.15
CA ILE E 57 -20.42 5.37 -6.72
C ILE E 57 -20.88 4.35 -5.68
N PRO E 58 -21.68 3.37 -6.06
CA PRO E 58 -22.36 2.52 -5.07
C PRO E 58 -21.38 1.79 -4.16
N GLU E 59 -21.86 1.48 -2.95
CA GLU E 59 -21.09 0.74 -1.97
C GLU E 59 -20.85 -0.71 -2.38
N ARG E 60 -21.51 -1.18 -3.44
CA ARG E 60 -21.27 -2.54 -3.92
C ARG E 60 -19.82 -2.73 -4.33
N PHE E 61 -19.20 -1.69 -4.89
CA PHE E 61 -17.81 -1.74 -5.29
C PHE E 61 -16.91 -1.57 -4.08
N SER E 62 -15.74 -2.20 -4.15
CA SER E 62 -14.74 -2.11 -3.08
C SER E 62 -13.45 -2.70 -3.60
N GLY E 63 -12.33 -2.19 -3.08
CA GLY E 63 -11.02 -2.62 -3.54
C GLY E 63 -10.14 -3.04 -2.38
N SER E 64 -9.06 -3.74 -2.73
CA SER E 64 -8.07 -4.21 -1.79
C SER E 64 -6.80 -4.54 -2.55
N ASN E 65 -5.67 -4.56 -1.83
CA ASN E 65 -4.39 -4.77 -2.48
C ASN E 65 -3.29 -5.13 -1.49
N SER E 66 -2.56 -6.20 -1.77
CA SER E 66 -1.41 -6.62 -0.98
C SER E 66 -0.70 -7.76 -1.72
N GLY E 67 0.60 -7.90 -1.44
CA GLY E 67 1.39 -8.95 -2.04
C GLY E 67 1.68 -8.73 -3.51
N ASN E 68 1.14 -9.61 -4.36
CA ASN E 68 1.28 -9.50 -5.81
C ASN E 68 -0.08 -9.48 -6.49
N THR E 69 -1.11 -9.03 -5.79
CA THR E 69 -2.47 -9.09 -6.31
C THR E 69 -3.34 -8.01 -5.68
N ALA E 70 -3.99 -7.22 -6.53
CA ALA E 70 -5.08 -6.35 -6.12
C ALA E 70 -6.41 -6.97 -6.54
N THR E 71 -7.48 -6.55 -5.86
CA THR E 71 -8.77 -7.15 -6.08
C THR E 71 -9.87 -6.11 -6.03
N LEU E 72 -10.78 -6.16 -7.00
CA LEU E 72 -11.97 -5.34 -7.04
C LEU E 72 -13.19 -6.23 -6.78
N THR E 73 -14.02 -5.85 -5.81
CA THR E 73 -15.14 -6.66 -5.37
C THR E 73 -16.44 -5.93 -5.68
N ILE E 74 -17.29 -6.54 -6.50
CA ILE E 74 -18.59 -6.00 -6.86
C ILE E 74 -19.65 -6.92 -6.24
N THR E 75 -20.36 -6.41 -5.24
CA THR E 75 -21.38 -7.19 -4.56
C THR E 75 -22.75 -6.94 -5.18
N ARG E 76 -23.64 -7.93 -5.04
CA ARG E 76 -25.02 -7.85 -5.49
C ARG E 76 -25.11 -7.33 -6.93
N ILE E 77 -24.60 -8.16 -7.83
CA ILE E 77 -24.41 -7.74 -9.22
C ILE E 77 -25.74 -7.65 -9.94
N GLU E 78 -25.91 -6.59 -10.72
CA GLU E 78 -27.05 -6.40 -11.61
C GLU E 78 -26.56 -6.38 -13.05
N ALA E 79 -27.51 -6.38 -13.98
CA ALA E 79 -27.16 -6.29 -15.39
C ALA E 79 -26.48 -4.96 -15.73
N GLY E 80 -26.71 -3.93 -14.92
CA GLY E 80 -26.05 -2.65 -15.12
C GLY E 80 -24.55 -2.68 -14.88
N ASP E 81 -24.03 -3.78 -14.34
CA ASP E 81 -22.60 -3.92 -14.08
C ASP E 81 -21.85 -4.55 -15.26
N GLU E 82 -22.56 -5.02 -16.28
CA GLU E 82 -21.92 -5.55 -17.48
C GLU E 82 -21.04 -4.50 -18.14
N ALA E 83 -19.73 -4.65 -18.00
CA ALA E 83 -18.78 -3.69 -18.57
C ALA E 83 -17.40 -4.33 -18.57
N ASP E 84 -16.41 -3.54 -18.97
CA ASP E 84 -15.01 -3.93 -18.90
C ASP E 84 -14.35 -3.15 -17.77
N TYR E 85 -13.57 -3.84 -16.94
CA TYR E 85 -12.94 -3.24 -15.77
C TYR E 85 -11.42 -3.35 -15.91
N TYR E 86 -10.76 -2.20 -15.78
CA TYR E 86 -9.31 -2.10 -15.95
C TYR E 86 -8.68 -1.62 -14.66
N CYS E 87 -7.53 -2.20 -14.33
CA CYS E 87 -6.72 -1.71 -13.23
C CYS E 87 -5.54 -0.89 -13.78
N GLN E 88 -5.06 0.03 -12.97
CA GLN E 88 -3.95 0.89 -13.33
C GLN E 88 -3.15 1.16 -12.07
N VAL E 89 -1.83 1.00 -12.16
CA VAL E 89 -0.98 1.09 -10.98
C VAL E 89 -0.58 2.54 -10.74
N TRP E 90 -0.15 2.82 -9.51
CA TRP E 90 0.53 4.07 -9.23
C TRP E 90 1.99 3.74 -8.95
N ASP E 91 2.75 3.66 -10.05
CA ASP E 91 4.12 3.18 -10.04
C ASP E 91 5.11 4.33 -10.18
N SER E 92 5.28 4.83 -11.39
CA SER E 92 6.22 5.91 -11.69
C SER E 92 5.46 7.11 -12.20
N SER E 93 5.81 8.29 -11.70
CA SER E 93 5.14 9.53 -12.12
C SER E 93 5.54 9.97 -13.52
N ARG E 94 6.23 9.16 -14.31
CA ARG E 94 6.54 9.50 -15.70
C ARG E 94 5.69 8.74 -16.71
N ASP E 95 5.01 7.67 -16.27
CA ASP E 95 4.22 6.86 -17.19
C ASP E 95 3.20 6.06 -16.38
N HIS E 96 2.12 5.67 -17.05
CA HIS E 96 1.11 4.81 -16.48
C HIS E 96 0.98 3.56 -17.33
N VAL E 97 0.62 2.45 -16.68
CA VAL E 97 0.34 1.20 -17.36
C VAL E 97 -1.01 0.69 -16.89
N PHE E 98 -1.75 0.06 -17.81
CA PHE E 98 -3.08 -0.47 -17.53
C PHE E 98 -3.04 -2.00 -17.58
N GLY E 99 -4.03 -2.60 -16.92
CA GLY E 99 -4.25 -4.02 -17.10
C GLY E 99 -4.85 -4.32 -18.46
N THR E 100 -4.94 -5.61 -18.77
CA THR E 100 -5.51 -6.04 -20.04
C THR E 100 -7.03 -6.00 -20.05
N GLY E 101 -7.66 -5.65 -18.92
CA GLY E 101 -9.09 -5.55 -18.87
C GLY E 101 -9.79 -6.86 -18.60
N THR E 102 -10.92 -6.81 -17.90
CA THR E 102 -11.69 -8.00 -17.55
C THR E 102 -13.17 -7.74 -17.84
N LYS E 103 -13.78 -8.66 -18.59
CA LYS E 103 -15.19 -8.55 -18.95
C LYS E 103 -16.04 -9.27 -17.90
N VAL E 104 -16.96 -8.53 -17.28
CA VAL E 104 -17.83 -9.13 -16.28
C VAL E 104 -19.21 -9.40 -16.89
N THR E 105 -19.34 -10.51 -17.59
CA THR E 105 -20.62 -10.89 -18.16
C THR E 105 -21.60 -11.25 -17.05
N VAL E 106 -22.66 -10.46 -16.92
CA VAL E 106 -23.77 -10.82 -16.05
C VAL E 106 -24.63 -11.82 -16.80
N LEU E 107 -24.83 -13.00 -16.20
CA LEU E 107 -25.46 -14.10 -16.90
C LEU E 107 -26.94 -13.82 -17.14
N GLY E 108 -27.34 -13.85 -18.41
CA GLY E 108 -28.72 -13.73 -18.79
C GLY E 108 -29.20 -14.95 -19.55
N GLN E 109 -28.33 -15.96 -19.63
CA GLN E 109 -28.60 -17.20 -20.36
C GLN E 109 -27.50 -18.20 -20.00
N PRO E 110 -27.72 -19.49 -20.24
CA PRO E 110 -26.73 -20.50 -19.83
C PRO E 110 -25.43 -20.39 -20.64
N LYS E 111 -24.44 -21.17 -20.19
CA LYS E 111 -23.15 -21.21 -20.85
C LYS E 111 -23.25 -21.99 -22.16
N ALA E 112 -22.63 -21.46 -23.21
CA ALA E 112 -22.64 -22.07 -24.53
C ALA E 112 -21.23 -22.11 -25.08
N ASN E 113 -20.79 -23.30 -25.49
CA ASN E 113 -19.47 -23.48 -26.05
C ASN E 113 -19.45 -23.07 -27.52
N PRO E 114 -18.31 -22.58 -28.02
CA PRO E 114 -18.26 -22.06 -29.38
C PRO E 114 -18.24 -23.15 -30.45
N THR E 115 -18.77 -22.80 -31.61
CA THR E 115 -18.70 -23.64 -32.81
C THR E 115 -17.59 -23.09 -33.69
N VAL E 116 -16.55 -23.88 -33.91
CA VAL E 116 -15.36 -23.46 -34.63
C VAL E 116 -15.38 -24.08 -36.02
N THR E 117 -15.08 -23.26 -37.03
CA THR E 117 -14.99 -23.73 -38.41
C THR E 117 -13.74 -23.09 -39.03
N LEU E 118 -12.83 -23.94 -39.51
CA LEU E 118 -11.57 -23.49 -40.07
C LEU E 118 -11.52 -23.83 -41.56
N PHE E 119 -11.13 -22.85 -42.37
CA PHE E 119 -11.01 -23.04 -43.80
C PHE E 119 -9.57 -22.86 -44.26
N PRO E 120 -9.07 -23.70 -45.16
CA PRO E 120 -7.77 -23.48 -45.75
C PRO E 120 -7.85 -22.41 -46.82
N PRO E 121 -6.71 -21.89 -47.29
CA PRO E 121 -6.76 -20.95 -48.41
C PRO E 121 -7.35 -21.61 -49.65
N SER E 122 -8.24 -20.88 -50.32
CA SER E 122 -8.86 -21.40 -51.52
C SER E 122 -7.82 -21.61 -52.62
N SER E 123 -8.10 -22.57 -53.50
CA SER E 123 -7.23 -22.77 -54.66
C SER E 123 -7.18 -21.55 -55.55
N GLU E 124 -8.19 -20.67 -55.47
CA GLU E 124 -8.19 -19.44 -56.26
C GLU E 124 -7.33 -18.36 -55.62
N GLU E 125 -7.21 -18.36 -54.29
CA GLU E 125 -6.34 -17.39 -53.64
C GLU E 125 -4.86 -17.77 -53.78
N LEU E 126 -4.55 -19.07 -53.79
CA LEU E 126 -3.18 -19.50 -53.95
C LEU E 126 -2.62 -19.14 -55.32
N GLN E 127 -3.46 -19.22 -56.35
CA GLN E 127 -3.02 -18.85 -57.70
C GLN E 127 -2.77 -17.35 -57.82
N ALA E 128 -3.40 -16.54 -56.97
CA ALA E 128 -3.10 -15.12 -56.87
C ALA E 128 -1.95 -14.84 -55.91
N ASN E 129 -1.19 -15.87 -55.55
CA ASN E 129 -0.01 -15.75 -54.70
C ASN E 129 -0.36 -15.18 -53.32
N LYS E 130 -1.49 -15.61 -52.78
CA LYS E 130 -1.89 -15.25 -51.43
C LYS E 130 -2.45 -16.48 -50.73
N ALA E 131 -2.45 -16.44 -49.40
CA ALA E 131 -2.96 -17.54 -48.60
C ALA E 131 -3.51 -16.99 -47.30
N THR E 132 -4.79 -17.24 -47.04
CA THR E 132 -5.45 -16.75 -45.84
C THR E 132 -6.21 -17.90 -45.18
N LEU E 133 -5.84 -18.22 -43.94
CA LEU E 133 -6.58 -19.18 -43.14
C LEU E 133 -7.71 -18.45 -42.42
N VAL E 134 -8.92 -18.99 -42.53
CA VAL E 134 -10.12 -18.36 -41.99
C VAL E 134 -10.65 -19.23 -40.85
N CYS E 135 -10.64 -18.68 -39.65
CA CYS E 135 -11.15 -19.36 -38.45
C CYS E 135 -12.36 -18.59 -37.96
N LEU E 136 -13.52 -19.21 -38.00
CA LEU E 136 -14.79 -18.58 -37.66
C LEU E 136 -15.34 -19.18 -36.38
N ILE E 137 -15.70 -18.32 -35.42
CA ILE E 137 -16.15 -18.72 -34.10
C ILE E 137 -17.53 -18.11 -33.87
N SER E 138 -18.49 -18.95 -33.45
CA SER E 138 -19.85 -18.48 -33.29
C SER E 138 -20.56 -19.31 -32.23
N ASP E 139 -21.68 -18.75 -31.74
CA ASP E 139 -22.58 -19.42 -30.79
C ASP E 139 -21.90 -19.70 -29.45
N PHE E 140 -21.13 -18.75 -28.95
CA PHE E 140 -20.49 -18.87 -27.64
C PHE E 140 -21.01 -17.78 -26.71
N TYR E 141 -21.18 -18.16 -25.43
CA TYR E 141 -21.63 -17.26 -24.39
C TYR E 141 -20.93 -17.70 -23.12
N PRO E 142 -20.30 -16.77 -22.36
CA PRO E 142 -20.25 -15.32 -22.60
C PRO E 142 -19.40 -14.92 -23.81
N GLY E 143 -19.55 -13.67 -24.24
CA GLY E 143 -18.81 -13.18 -25.39
C GLY E 143 -17.36 -12.89 -25.11
N ALA E 144 -16.61 -13.93 -24.75
CA ALA E 144 -15.19 -13.79 -24.42
C ALA E 144 -14.47 -15.05 -24.89
N VAL E 145 -13.59 -14.90 -25.89
CA VAL E 145 -12.80 -16.00 -26.42
C VAL E 145 -11.40 -15.49 -26.72
N THR E 146 -10.44 -16.41 -26.73
CA THR E 146 -9.07 -16.14 -27.13
C THR E 146 -8.66 -17.16 -28.18
N VAL E 147 -7.91 -16.70 -29.18
CA VAL E 147 -7.55 -17.51 -30.34
C VAL E 147 -6.05 -17.66 -30.40
N ALA E 148 -5.57 -18.90 -30.50
CA ALA E 148 -4.17 -19.21 -30.69
C ALA E 148 -4.01 -20.01 -31.98
N TRP E 149 -3.06 -19.60 -32.82
CA TRP E 149 -2.77 -20.29 -34.05
C TRP E 149 -1.52 -21.16 -33.90
N LYS E 150 -1.45 -22.22 -34.71
CA LYS E 150 -0.36 -23.18 -34.62
C LYS E 150 0.07 -23.62 -36.00
N ALA E 151 1.38 -23.62 -36.23
CA ALA E 151 1.98 -24.25 -37.40
C ALA E 151 2.49 -25.62 -36.98
N ASP E 152 1.94 -26.68 -37.59
CA ASP E 152 2.18 -28.05 -37.14
C ASP E 152 1.82 -28.16 -35.67
N SER E 153 2.76 -27.79 -34.80
CA SER E 153 2.49 -27.71 -33.37
C SER E 153 3.20 -26.55 -32.70
N SER E 154 3.72 -25.60 -33.48
CA SER E 154 4.46 -24.43 -33.01
C SER E 154 3.57 -23.18 -33.03
N PRO E 155 3.72 -22.30 -32.04
CA PRO E 155 2.87 -21.11 -31.99
C PRO E 155 3.20 -20.13 -33.12
N VAL E 156 2.15 -19.51 -33.66
CA VAL E 156 2.28 -18.50 -34.70
C VAL E 156 1.61 -17.23 -34.20
N LYS E 157 2.33 -16.11 -34.24
CA LYS E 157 1.82 -14.83 -33.81
C LYS E 157 1.68 -13.82 -34.93
N ALA E 158 2.59 -13.84 -35.91
CA ALA E 158 2.57 -12.87 -36.99
C ALA E 158 1.49 -13.20 -38.01
N GLY E 159 0.88 -12.16 -38.57
CA GLY E 159 -0.14 -12.30 -39.59
C GLY E 159 -1.52 -12.66 -39.07
N VAL E 160 -1.76 -12.53 -37.77
CA VAL E 160 -3.03 -12.90 -37.15
C VAL E 160 -3.89 -11.65 -37.00
N GLU E 161 -5.11 -11.71 -37.54
CA GLU E 161 -6.10 -10.64 -37.39
C GLU E 161 -7.36 -11.26 -36.82
N THR E 162 -7.77 -10.82 -35.64
CA THR E 162 -8.91 -11.41 -34.94
C THR E 162 -9.91 -10.33 -34.57
N THR E 163 -11.18 -10.57 -34.88
CA THR E 163 -12.24 -9.63 -34.52
C THR E 163 -12.48 -9.64 -33.02
N THR E 164 -13.28 -8.70 -32.59
CA THR E 164 -13.81 -8.70 -31.25
C THR E 164 -15.16 -9.42 -31.21
N PRO E 165 -15.49 -10.06 -30.10
CA PRO E 165 -16.80 -10.73 -30.01
C PRO E 165 -17.94 -9.74 -30.19
N SER E 166 -18.88 -10.09 -31.06
CA SER E 166 -20.05 -9.27 -31.34
C SER E 166 -21.32 -10.06 -31.06
N LYS E 167 -22.33 -9.38 -30.53
CA LYS E 167 -23.60 -10.03 -30.21
C LYS E 167 -24.36 -10.33 -31.49
N GLN E 168 -24.61 -11.61 -31.75
CA GLN E 168 -25.37 -12.03 -32.92
C GLN E 168 -26.87 -12.03 -32.58
N SER E 169 -27.68 -12.70 -33.38
CA SER E 169 -29.13 -12.60 -33.25
C SER E 169 -29.61 -13.19 -31.93
N ASN E 170 -29.21 -14.43 -31.63
CA ASN E 170 -29.71 -15.16 -30.47
C ASN E 170 -28.99 -14.75 -29.19
N ASN E 171 -28.45 -13.52 -29.17
CA ASN E 171 -27.76 -12.95 -28.01
C ASN E 171 -26.49 -13.73 -27.68
N LYS E 172 -26.17 -14.76 -28.46
CA LYS E 172 -24.84 -15.34 -28.36
C LYS E 172 -23.85 -14.43 -29.08
N TYR E 173 -22.58 -14.85 -29.13
CA TYR E 173 -21.55 -14.02 -29.73
C TYR E 173 -20.84 -14.77 -30.85
N ALA E 174 -20.21 -13.99 -31.72
CA ALA E 174 -19.47 -14.53 -32.86
C ALA E 174 -18.14 -13.78 -32.99
N ALA E 175 -17.18 -14.44 -33.62
CA ALA E 175 -15.87 -13.84 -33.86
C ALA E 175 -15.20 -14.58 -35.01
N SER E 176 -14.16 -13.95 -35.55
CA SER E 176 -13.43 -14.52 -36.67
C SER E 176 -11.97 -14.17 -36.56
N SER E 177 -11.10 -15.12 -36.89
CA SER E 177 -9.66 -14.92 -36.85
C SER E 177 -9.06 -15.31 -38.20
N TYR E 178 -8.15 -14.48 -38.69
CA TYR E 178 -7.53 -14.68 -39.99
C TYR E 178 -6.02 -14.79 -39.84
N LEU E 179 -5.42 -15.72 -40.58
CA LEU E 179 -3.98 -15.91 -40.62
C LEU E 179 -3.51 -15.73 -42.06
N SER E 180 -2.87 -14.61 -42.34
CA SER E 180 -2.30 -14.36 -43.66
C SER E 180 -0.97 -15.08 -43.80
N LEU E 181 -0.84 -15.88 -44.86
CA LEU E 181 0.36 -16.67 -45.09
C LEU E 181 0.79 -16.53 -46.54
N THR E 182 2.04 -16.88 -46.78
CA THR E 182 2.48 -17.04 -48.16
C THR E 182 2.24 -18.48 -48.61
N PRO E 183 2.03 -18.71 -49.91
CA PRO E 183 1.83 -20.08 -50.38
C PRO E 183 2.97 -21.02 -50.03
N GLU E 184 4.20 -20.50 -49.90
CA GLU E 184 5.32 -21.34 -49.51
C GLU E 184 5.20 -21.77 -48.05
N GLN E 185 4.87 -20.82 -47.16
CA GLN E 185 4.69 -21.16 -45.76
C GLN E 185 3.53 -22.13 -45.56
N TRP E 186 2.49 -22.01 -46.37
CA TRP E 186 1.34 -22.90 -46.26
C TRP E 186 1.68 -24.30 -46.76
N LYS E 187 2.48 -24.40 -47.82
CA LYS E 187 2.87 -25.69 -48.38
C LYS E 187 4.06 -26.31 -47.66
N SER E 188 4.82 -25.55 -46.87
CA SER E 188 5.99 -26.09 -46.18
C SER E 188 5.59 -27.00 -45.03
N HIS E 189 4.76 -26.49 -44.12
CA HIS E 189 4.33 -27.27 -42.96
C HIS E 189 3.29 -28.31 -43.37
N ARG E 190 3.02 -29.25 -42.47
CA ARG E 190 2.06 -30.31 -42.74
C ARG E 190 0.64 -29.94 -42.35
N SER E 191 0.46 -29.00 -41.41
CA SER E 191 -0.87 -28.63 -40.95
C SER E 191 -0.79 -27.35 -40.14
N TYR E 192 -1.90 -26.61 -40.15
CA TYR E 192 -2.08 -25.44 -39.31
C TYR E 192 -3.33 -25.63 -38.46
N SER E 193 -3.33 -25.03 -37.27
CA SER E 193 -4.41 -25.22 -36.32
C SER E 193 -4.92 -23.88 -35.80
N CYS E 194 -6.22 -23.81 -35.57
CA CYS E 194 -6.86 -22.68 -34.90
C CYS E 194 -7.40 -23.18 -33.57
N GLN E 195 -6.89 -22.64 -32.48
CA GLN E 195 -7.25 -23.07 -31.13
C GLN E 195 -8.08 -21.98 -30.47
N VAL E 196 -9.33 -22.30 -30.16
CA VAL E 196 -10.27 -21.35 -29.56
C VAL E 196 -10.58 -21.81 -28.14
N THR E 197 -10.27 -20.96 -27.17
CA THR E 197 -10.53 -21.23 -25.77
C THR E 197 -11.73 -20.39 -25.31
N HIS E 198 -12.63 -21.02 -24.56
CA HIS E 198 -13.84 -20.35 -24.06
C HIS E 198 -14.13 -20.86 -22.66
N GLU E 199 -13.69 -20.11 -21.66
CA GLU E 199 -13.91 -20.43 -20.25
C GLU E 199 -13.42 -21.85 -19.92
N GLY E 200 -12.11 -21.99 -19.94
CA GLY E 200 -11.48 -23.24 -19.57
C GLY E 200 -11.50 -24.30 -20.66
N SER E 201 -12.56 -24.33 -21.45
CA SER E 201 -12.67 -25.31 -22.53
C SER E 201 -11.93 -24.83 -23.76
N THR E 202 -11.44 -25.79 -24.54
CA THR E 202 -10.61 -25.51 -25.71
C THR E 202 -11.09 -26.33 -26.90
N VAL E 203 -11.38 -25.65 -28.00
CA VAL E 203 -11.77 -26.29 -29.25
C VAL E 203 -10.72 -25.96 -30.30
N GLU E 204 -10.22 -26.98 -31.00
CA GLU E 204 -9.17 -26.82 -31.99
C GLU E 204 -9.58 -27.46 -33.30
N LYS E 205 -9.36 -26.76 -34.39
CA LYS E 205 -9.57 -27.30 -35.74
C LYS E 205 -8.27 -27.19 -36.52
N THR E 206 -8.05 -28.15 -37.42
CA THR E 206 -6.79 -28.27 -38.14
C THR E 206 -7.06 -28.56 -39.61
N VAL E 207 -6.32 -27.88 -40.48
CA VAL E 207 -6.39 -28.08 -41.92
C VAL E 207 -4.99 -28.38 -42.43
N ALA E 208 -4.93 -29.08 -43.57
CA ALA E 208 -3.67 -29.51 -44.16
C ALA E 208 -3.65 -29.19 -45.64
N PRO E 209 -2.47 -28.87 -46.19
CA PRO E 209 -2.38 -28.59 -47.62
C PRO E 209 -2.55 -29.83 -48.48
N THR E 210 -3.75 -30.04 -49.01
CA THR E 210 -4.03 -31.17 -49.89
C THR E 210 -4.87 -30.73 -51.08
N HIS F 5 48.75 15.64 9.42
CA HIS F 5 48.17 16.94 9.73
C HIS F 5 46.64 16.88 9.77
N HIS F 6 46.05 17.68 10.65
CA HIS F 6 44.60 17.72 10.80
C HIS F 6 44.15 19.04 11.40
N THR F 7 44.66 20.16 10.86
CA THR F 7 44.27 21.47 11.36
C THR F 7 42.77 21.70 11.17
N ASN F 8 42.25 21.35 10.00
CA ASN F 8 40.82 21.49 9.73
C ASN F 8 40.48 20.51 8.61
N LEU F 9 40.09 19.30 8.99
CA LEU F 9 39.64 18.33 8.01
C LEU F 9 38.22 18.65 7.57
N CYS F 10 37.84 18.15 6.41
CA CYS F 10 36.52 18.44 5.86
C CYS F 10 35.46 17.62 6.59
N PRO F 11 34.47 18.26 7.21
CA PRO F 11 33.45 17.56 7.99
C PRO F 11 32.38 16.91 7.13
N PHE F 12 32.80 16.14 6.12
CA PHE F 12 31.86 15.35 5.34
C PHE F 12 31.19 14.26 6.18
N GLY F 13 31.67 14.03 7.40
CA GLY F 13 31.04 13.03 8.25
C GLY F 13 29.61 13.41 8.62
N GLU F 14 29.40 14.67 9.01
CA GLU F 14 28.09 15.12 9.42
C GLU F 14 27.08 15.09 8.28
N VAL F 15 27.54 14.97 7.04
CA VAL F 15 26.66 14.96 5.89
C VAL F 15 26.46 13.52 5.39
N PHE F 16 27.56 12.89 4.96
CA PHE F 16 27.46 11.55 4.39
C PHE F 16 27.03 10.52 5.43
N ASN F 17 27.63 10.58 6.61
CA ASN F 17 27.38 9.61 7.67
C ASN F 17 26.30 10.05 8.63
N ALA F 18 25.46 11.01 8.25
CA ALA F 18 24.40 11.47 9.13
C ALA F 18 23.44 10.33 9.46
N THR F 19 22.95 10.32 10.70
CA THR F 19 22.09 9.23 11.15
C THR F 19 20.74 9.25 10.45
N ARG F 20 20.27 10.42 10.02
CA ARG F 20 19.01 10.52 9.31
C ARG F 20 19.09 11.64 8.28
N PHE F 21 18.43 11.42 7.15
CA PHE F 21 18.43 12.36 6.05
C PHE F 21 17.08 13.07 5.94
N ALA F 22 17.09 14.20 5.26
CA ALA F 22 15.86 14.95 5.04
C ALA F 22 15.08 14.35 3.87
N SER F 23 13.80 14.66 3.82
CA SER F 23 13.01 14.34 2.64
C SER F 23 13.39 15.29 1.50
N VAL F 24 13.14 14.83 0.27
CA VAL F 24 13.65 15.55 -0.89
C VAL F 24 12.97 16.91 -1.04
N TYR F 25 11.67 16.99 -0.71
CA TYR F 25 10.97 18.27 -0.81
C TYR F 25 11.50 19.29 0.17
N ALA F 26 12.15 18.85 1.24
CA ALA F 26 12.76 19.73 2.24
C ALA F 26 14.23 19.37 2.42
N TRP F 27 14.96 19.35 1.30
CA TRP F 27 16.35 18.92 1.31
C TRP F 27 17.21 19.86 2.15
N ASN F 28 18.20 19.28 2.82
CA ASN F 28 19.13 20.03 3.65
C ASN F 28 20.26 20.58 2.82
N ARG F 29 20.87 21.65 3.32
CA ARG F 29 22.06 22.25 2.73
C ARG F 29 23.07 22.53 3.82
N LYS F 30 24.30 22.06 3.62
CA LYS F 30 25.41 22.32 4.52
C LYS F 30 26.49 23.07 3.75
N ARG F 31 27.01 24.13 4.35
CA ARG F 31 28.05 24.95 3.74
C ARG F 31 29.41 24.46 4.23
N ILE F 32 30.28 24.10 3.28
CA ILE F 32 31.59 23.53 3.57
C ILE F 32 32.65 24.45 2.99
N SER F 33 33.61 24.84 3.83
CA SER F 33 34.72 25.69 3.41
C SER F 33 35.92 25.34 4.28
N ASN F 34 36.89 26.25 4.36
CA ASN F 34 38.05 26.13 5.25
C ASN F 34 38.93 24.94 4.95
N CYS F 35 38.34 23.76 4.89
CA CYS F 35 39.05 22.49 5.06
C CYS F 35 39.70 22.03 3.76
N VAL F 36 40.21 20.80 3.78
CA VAL F 36 40.85 20.18 2.63
C VAL F 36 40.84 18.66 2.80
N ALA F 37 39.98 17.98 2.05
CA ALA F 37 39.91 16.53 2.05
C ALA F 37 40.10 15.99 0.64
N ASP F 38 40.22 14.68 0.55
CA ASP F 38 40.46 14.01 -0.72
C ASP F 38 39.19 13.31 -1.21
N TYR F 39 38.99 13.33 -2.52
CA TYR F 39 37.82 12.73 -3.15
C TYR F 39 38.14 11.41 -3.83
N SER F 40 39.41 11.03 -3.92
CA SER F 40 39.77 9.74 -4.49
C SER F 40 39.15 8.60 -3.69
N VAL F 41 39.27 8.66 -2.36
CA VAL F 41 38.66 7.64 -1.51
C VAL F 41 37.15 7.64 -1.68
N LEU F 42 36.56 8.82 -1.86
CA LEU F 42 35.13 8.90 -2.13
C LEU F 42 34.78 8.24 -3.46
N TYR F 43 35.51 8.59 -4.52
CA TYR F 43 35.22 8.00 -5.83
C TYR F 43 35.60 6.53 -5.87
N ASN F 44 36.73 6.16 -5.25
CA ASN F 44 37.15 4.76 -5.21
C ASN F 44 36.36 3.94 -4.21
N SER F 45 35.40 4.53 -3.51
CA SER F 45 34.61 3.78 -2.55
C SER F 45 33.64 2.85 -3.27
N ALA F 46 33.56 1.61 -2.79
CA ALA F 46 32.68 0.61 -3.37
C ALA F 46 31.25 0.72 -2.85
N SER F 47 30.93 1.77 -2.09
CA SER F 47 29.60 1.95 -1.52
C SER F 47 28.74 2.92 -2.31
N PHE F 48 29.34 3.86 -3.03
CA PHE F 48 28.60 4.84 -3.81
C PHE F 48 28.22 4.23 -5.15
N SER F 49 26.95 3.83 -5.29
CA SER F 49 26.47 3.29 -6.55
C SER F 49 26.39 4.35 -7.64
N THR F 50 26.33 5.63 -7.26
CA THR F 50 26.28 6.73 -8.20
C THR F 50 27.30 7.78 -7.79
N PHE F 51 28.12 8.22 -8.75
CA PHE F 51 29.13 9.25 -8.49
C PHE F 51 29.37 9.97 -9.83
N LYS F 52 28.53 10.96 -10.11
CA LYS F 52 28.56 11.69 -11.37
C LYS F 52 28.96 13.13 -11.11
N CYS F 53 30.02 13.57 -11.77
CA CYS F 53 30.51 14.94 -11.68
C CYS F 53 30.34 15.64 -13.02
N TYR F 54 29.87 16.90 -12.99
CA TYR F 54 29.60 17.69 -14.17
C TYR F 54 30.48 18.93 -14.16
N GLY F 55 31.08 19.24 -15.30
CA GLY F 55 32.05 20.31 -15.39
C GLY F 55 33.30 20.12 -14.57
N VAL F 56 33.46 18.97 -13.91
CA VAL F 56 34.60 18.73 -13.04
C VAL F 56 34.90 17.23 -13.06
N SER F 57 36.14 16.88 -12.73
CA SER F 57 36.59 15.50 -12.83
C SER F 57 36.74 14.89 -11.44
N PRO F 58 36.09 13.74 -11.16
CA PRO F 58 36.07 13.25 -9.77
C PRO F 58 37.43 12.85 -9.23
N THR F 59 38.28 12.25 -10.06
CA THR F 59 39.59 11.82 -9.59
C THR F 59 40.62 12.95 -9.66
N LYS F 60 40.47 13.87 -10.61
CA LYS F 60 41.25 15.10 -10.62
C LYS F 60 40.69 16.14 -9.65
N LEU F 61 39.72 15.77 -8.81
CA LEU F 61 39.23 16.68 -7.79
C LEU F 61 40.30 17.03 -6.77
N ASN F 62 41.19 16.08 -6.46
CA ASN F 62 42.27 16.35 -5.51
C ASN F 62 43.19 17.46 -6.01
N ASP F 63 43.28 17.63 -7.34
CA ASP F 63 44.17 18.64 -7.91
C ASP F 63 43.57 20.03 -7.89
N LEU F 64 42.27 20.16 -7.66
CA LEU F 64 41.58 21.43 -7.82
C LEU F 64 41.28 22.05 -6.47
N CYS F 65 41.15 23.37 -6.46
CA CYS F 65 40.73 24.11 -5.28
C CYS F 65 39.64 25.09 -5.68
N PHE F 66 38.72 25.33 -4.75
CA PHE F 66 37.54 26.15 -4.98
C PHE F 66 37.42 27.18 -3.88
N THR F 67 36.31 27.92 -3.85
CA THR F 67 36.02 28.83 -2.74
C THR F 67 35.03 28.23 -1.75
N ASN F 68 33.91 27.68 -2.22
CA ASN F 68 32.88 27.17 -1.32
C ASN F 68 32.32 25.85 -1.84
N VAL F 69 31.72 25.10 -0.93
CA VAL F 69 30.99 23.87 -1.24
C VAL F 69 29.63 23.93 -0.58
N TYR F 70 28.59 23.52 -1.31
CA TYR F 70 27.28 23.31 -0.75
C TYR F 70 26.96 21.82 -0.79
N ALA F 71 26.69 21.24 0.37
CA ALA F 71 26.44 19.81 0.52
C ALA F 71 24.94 19.60 0.73
N ASP F 72 24.23 19.29 -0.35
CA ASP F 72 22.80 19.06 -0.30
C ASP F 72 22.53 17.56 -0.16
N SER F 73 21.70 17.19 0.82
CA SER F 73 21.45 15.80 1.12
C SER F 73 19.96 15.56 1.32
N PHE F 74 19.48 14.41 0.83
CA PHE F 74 18.08 14.02 0.94
C PHE F 74 17.97 12.55 0.57
N VAL F 75 16.73 12.04 0.59
CA VAL F 75 16.43 10.66 0.24
C VAL F 75 15.34 10.66 -0.82
N ILE F 76 15.53 9.87 -1.87
CA ILE F 76 14.56 9.71 -2.94
C ILE F 76 14.39 8.23 -3.23
N ARG F 77 13.59 7.94 -4.25
CA ARG F 77 13.40 6.57 -4.72
C ARG F 77 14.55 6.17 -5.65
N GLY F 78 14.71 4.86 -5.83
CA GLY F 78 15.81 4.37 -6.64
C GLY F 78 15.76 4.87 -8.07
N ASP F 79 14.63 4.66 -8.73
CA ASP F 79 14.51 5.06 -10.13
C ASP F 79 14.37 6.58 -10.31
N GLU F 80 14.53 7.38 -9.26
CA GLU F 80 14.49 8.82 -9.37
C GLU F 80 15.88 9.45 -9.28
N VAL F 81 16.92 8.65 -9.09
CA VAL F 81 18.28 9.16 -9.02
C VAL F 81 18.66 9.86 -10.32
N ARG F 82 18.15 9.37 -11.46
CA ARG F 82 18.48 9.96 -12.74
C ARG F 82 17.96 11.38 -12.88
N GLN F 83 16.98 11.78 -12.05
CA GLN F 83 16.49 13.15 -12.10
C GLN F 83 17.48 14.12 -11.46
N ILE F 84 18.24 13.67 -10.47
CA ILE F 84 19.26 14.50 -9.85
C ILE F 84 20.40 14.69 -10.85
N ALA F 85 20.15 15.52 -11.86
CA ALA F 85 21.10 15.78 -12.93
C ALA F 85 20.61 17.01 -13.70
N PRO F 86 21.51 17.77 -14.32
CA PRO F 86 21.07 18.97 -15.05
C PRO F 86 20.17 18.61 -16.23
N GLY F 87 19.19 19.46 -16.48
CA GLY F 87 18.30 19.27 -17.61
C GLY F 87 17.34 18.12 -17.49
N GLN F 88 16.95 17.74 -16.28
CA GLN F 88 16.01 16.66 -16.05
C GLN F 88 14.64 17.21 -15.70
N THR F 89 13.60 16.47 -16.10
CA THR F 89 12.23 16.79 -15.78
C THR F 89 11.57 15.58 -15.14
N GLY F 90 10.60 15.84 -14.29
CA GLY F 90 9.91 14.79 -13.56
C GLY F 90 9.47 15.29 -12.20
N ASN F 91 8.88 14.36 -11.44
CA ASN F 91 8.30 14.73 -10.14
C ASN F 91 9.35 15.33 -9.22
N ILE F 92 10.56 14.76 -9.19
CA ILE F 92 11.60 15.26 -8.31
C ILE F 92 12.25 16.50 -8.89
N ALA F 93 12.64 16.45 -10.17
CA ALA F 93 13.37 17.56 -10.76
C ALA F 93 12.50 18.80 -10.93
N ASP F 94 11.18 18.64 -11.04
CA ASP F 94 10.32 19.79 -11.21
C ASP F 94 9.78 20.34 -9.89
N TYR F 95 9.49 19.46 -8.92
CA TYR F 95 8.76 19.85 -7.73
C TYR F 95 9.52 19.65 -6.43
N ASN F 96 10.73 19.06 -6.47
CA ASN F 96 11.41 18.76 -5.22
C ASN F 96 12.83 19.32 -5.20
N TYR F 97 13.65 18.95 -6.17
CA TYR F 97 15.04 19.38 -6.21
C TYR F 97 15.48 19.54 -7.66
N LYS F 98 15.83 20.77 -8.04
CA LYS F 98 16.18 21.11 -9.42
C LYS F 98 17.64 21.53 -9.47
N LEU F 99 18.42 20.86 -10.33
CA LEU F 99 19.79 21.28 -10.57
C LEU F 99 19.86 22.21 -11.77
N PRO F 100 20.67 23.26 -11.71
CA PRO F 100 20.77 24.19 -12.84
C PRO F 100 21.43 23.53 -14.05
N ASP F 101 21.32 24.22 -15.18
CA ASP F 101 21.92 23.70 -16.41
C ASP F 101 23.44 23.83 -16.38
N ASP F 102 23.96 24.89 -15.80
CA ASP F 102 25.41 25.10 -15.64
C ASP F 102 25.93 24.52 -14.34
N PHE F 103 25.42 23.36 -13.93
CA PHE F 103 25.79 22.78 -12.64
C PHE F 103 27.25 22.36 -12.64
N THR F 104 27.98 22.80 -11.61
CA THR F 104 29.38 22.43 -11.41
C THR F 104 29.47 21.70 -10.07
N GLY F 105 29.62 20.38 -10.12
CA GLY F 105 29.70 19.60 -8.90
C GLY F 105 29.47 18.13 -9.19
N CYS F 106 29.29 17.37 -8.12
CA CYS F 106 29.15 15.93 -8.20
C CYS F 106 27.86 15.48 -7.51
N VAL F 107 27.23 14.48 -8.10
CA VAL F 107 26.03 13.86 -7.53
C VAL F 107 26.42 12.48 -7.02
N ILE F 108 26.21 12.25 -5.73
CA ILE F 108 26.61 11.01 -5.07
C ILE F 108 25.37 10.36 -4.47
N ALA F 109 25.19 9.08 -4.72
CA ALA F 109 24.04 8.33 -4.22
C ALA F 109 24.46 6.92 -3.87
N TRP F 110 23.73 6.31 -2.93
CA TRP F 110 23.97 4.93 -2.54
C TRP F 110 22.68 4.34 -1.98
N ASN F 111 22.56 3.02 -2.11
CA ASN F 111 21.37 2.32 -1.64
C ASN F 111 21.33 2.31 -0.11
N SER F 112 20.21 2.77 0.45
CA SER F 112 20.03 2.85 1.89
C SER F 112 18.88 1.96 2.36
N ASN F 113 18.65 0.84 1.66
CA ASN F 113 17.58 -0.06 2.03
C ASN F 113 17.78 -0.68 3.40
N ASN F 114 19.01 -0.72 3.90
CA ASN F 114 19.30 -1.28 5.21
C ASN F 114 18.93 -0.34 6.34
N LEU F 115 18.84 0.96 6.08
CA LEU F 115 18.59 1.97 7.10
C LEU F 115 17.21 2.61 6.98
N ASP F 116 16.87 3.13 5.81
CA ASP F 116 15.65 3.90 5.60
C ASP F 116 14.47 3.04 5.18
N SER F 117 14.45 1.77 5.57
CA SER F 117 13.31 0.90 5.29
C SER F 117 13.19 -0.12 6.42
N LYS F 118 11.97 -0.33 6.88
CA LYS F 118 11.72 -1.28 7.96
C LYS F 118 10.52 -2.14 7.59
N VAL F 119 10.35 -3.25 8.34
CA VAL F 119 9.29 -4.18 8.06
C VAL F 119 7.94 -3.49 8.23
N GLY F 120 7.05 -3.72 7.27
CA GLY F 120 5.75 -3.06 7.22
C GLY F 120 5.77 -1.80 6.38
N GLY F 121 6.84 -1.02 6.48
CA GLY F 121 6.97 0.18 5.68
C GLY F 121 7.50 1.38 6.44
N ASN F 122 8.42 2.13 5.85
CA ASN F 122 8.96 3.35 6.42
C ASN F 122 8.26 4.52 5.75
N TYR F 123 7.10 4.90 6.29
CA TYR F 123 6.25 5.93 5.70
C TYR F 123 6.56 7.30 6.32
N ASN F 124 7.83 7.69 6.24
CA ASN F 124 8.28 8.96 6.80
C ASN F 124 8.83 9.90 5.74
N TYR F 125 9.70 9.43 4.86
CA TYR F 125 10.22 10.28 3.80
C TYR F 125 9.10 10.69 2.85
N LEU F 126 9.03 11.98 2.56
CA LEU F 126 7.96 12.54 1.76
C LEU F 126 8.51 13.16 0.50
N TYR F 127 7.60 13.52 -0.40
CA TYR F 127 7.95 14.18 -1.66
C TYR F 127 6.77 15.02 -2.10
N ARG F 128 7.06 16.09 -2.84
CA ARG F 128 6.02 16.96 -3.36
C ARG F 128 5.53 16.43 -4.71
N LEU F 129 4.22 16.21 -4.80
CA LEU F 129 3.60 15.68 -6.01
C LEU F 129 2.88 16.73 -6.85
N PHE F 130 2.34 17.77 -6.23
CA PHE F 130 1.60 18.81 -6.93
C PHE F 130 2.26 20.16 -6.70
N ARG F 131 2.31 20.97 -7.75
CA ARG F 131 2.80 22.33 -7.64
C ARG F 131 2.33 23.11 -8.86
N LYS F 132 2.04 24.40 -8.64
CA LYS F 132 1.51 25.23 -9.73
C LYS F 132 2.54 25.46 -10.82
N SER F 133 3.83 25.47 -10.47
CA SER F 133 4.89 25.68 -11.45
C SER F 133 6.13 24.92 -11.02
N ASN F 134 7.08 24.80 -11.94
CA ASN F 134 8.31 24.07 -11.68
C ASN F 134 9.26 24.89 -10.80
N LEU F 135 10.15 24.19 -10.13
CA LEU F 135 11.11 24.82 -9.23
C LEU F 135 12.25 25.45 -10.03
N LYS F 136 12.70 26.61 -9.57
CA LYS F 136 13.95 27.17 -10.04
C LYS F 136 15.11 26.45 -9.38
N PRO F 137 16.30 26.48 -9.98
CA PRO F 137 17.43 25.73 -9.42
C PRO F 137 17.69 26.08 -7.96
N PHE F 138 17.80 25.04 -7.13
CA PHE F 138 18.06 25.12 -5.70
C PHE F 138 16.93 25.77 -4.92
N GLU F 139 15.75 25.94 -5.51
CA GLU F 139 14.60 26.44 -4.78
C GLU F 139 14.02 25.32 -3.91
N ARG F 140 13.51 25.70 -2.74
CA ARG F 140 12.98 24.76 -1.78
C ARG F 140 11.54 25.12 -1.45
N ASP F 141 10.66 24.14 -1.48
CA ASP F 141 9.23 24.34 -1.21
C ASP F 141 8.82 23.39 -0.09
N ILE F 142 8.32 23.96 1.01
CA ILE F 142 7.84 23.19 2.15
C ILE F 142 6.38 23.51 2.47
N SER F 143 5.70 24.24 1.59
CA SER F 143 4.32 24.61 1.84
C SER F 143 3.42 23.38 1.83
N THR F 144 2.35 23.45 2.65
CA THR F 144 1.34 22.41 2.68
C THR F 144 -0.02 22.96 2.28
N GLU F 145 -0.05 24.14 1.66
CA GLU F 145 -1.29 24.73 1.18
C GLU F 145 -2.02 23.75 0.28
N ILE F 146 -3.31 23.58 0.54
CA ILE F 146 -4.12 22.65 -0.25
C ILE F 146 -4.06 23.07 -1.71
N TYR F 147 -3.56 22.17 -2.57
CA TYR F 147 -3.37 22.50 -3.97
C TYR F 147 -4.71 22.76 -4.64
N GLN F 148 -4.78 23.85 -5.40
CA GLN F 148 -6.00 24.26 -6.08
C GLN F 148 -5.89 23.93 -7.56
N ALA F 149 -6.84 23.14 -8.06
CA ALA F 149 -6.90 22.80 -9.47
C ALA F 149 -8.13 23.38 -10.17
N GLY F 150 -9.13 23.83 -9.41
CA GLY F 150 -10.29 24.48 -9.96
C GLY F 150 -10.17 25.99 -9.94
N SER F 151 -11.24 26.65 -10.38
CA SER F 151 -11.26 28.11 -10.36
C SER F 151 -11.58 28.65 -8.98
N THR F 152 -12.27 27.87 -8.15
CA THR F 152 -12.65 28.30 -6.80
C THR F 152 -11.47 28.14 -5.85
N PRO F 153 -11.32 29.04 -4.89
CA PRO F 153 -10.23 28.90 -3.91
C PRO F 153 -10.53 27.78 -2.92
N CYS F 154 -9.47 27.05 -2.54
CA CYS F 154 -9.65 25.96 -1.60
C CYS F 154 -9.97 26.47 -0.20
N ASN F 155 -9.26 27.51 0.24
CA ASN F 155 -9.48 28.13 1.55
C ASN F 155 -9.41 27.10 2.67
N GLY F 156 -8.43 26.20 2.59
CA GLY F 156 -8.28 25.18 3.60
C GLY F 156 -9.35 24.11 3.59
N VAL F 157 -10.04 23.92 2.47
CA VAL F 157 -11.11 22.93 2.35
C VAL F 157 -10.68 21.89 1.31
N LYS F 158 -10.52 20.64 1.75
CA LYS F 158 -10.15 19.54 0.87
C LYS F 158 -11.41 19.06 0.16
N GLY F 159 -11.74 19.72 -0.95
CA GLY F 159 -12.94 19.40 -1.70
C GLY F 159 -12.66 18.71 -3.02
N PHE F 160 -13.26 19.21 -4.10
CA PHE F 160 -13.10 18.62 -5.41
C PHE F 160 -11.66 18.71 -5.89
N ASN F 161 -11.25 19.89 -6.33
CA ASN F 161 -9.89 20.13 -6.84
C ASN F 161 -8.94 20.60 -5.75
N CYS F 162 -9.05 20.05 -4.55
CA CYS F 162 -8.30 20.55 -3.40
C CYS F 162 -7.75 19.34 -2.64
N TYR F 163 -6.44 19.10 -2.78
CA TYR F 163 -5.79 17.93 -2.22
C TYR F 163 -4.48 18.34 -1.58
N PHE F 164 -3.90 17.41 -0.83
CA PHE F 164 -2.61 17.66 -0.19
C PHE F 164 -1.49 17.55 -1.22
N PRO F 165 -0.47 18.41 -1.13
CA PRO F 165 0.61 18.40 -2.12
C PRO F 165 1.74 17.44 -1.81
N LEU F 166 1.75 16.78 -0.65
CA LEU F 166 2.80 15.86 -0.26
C LEU F 166 2.27 14.45 -0.16
N GLN F 167 3.14 13.47 -0.42
CA GLN F 167 2.82 12.06 -0.30
C GLN F 167 3.98 11.35 0.37
N SER F 168 3.74 10.12 0.81
CA SER F 168 4.72 9.36 1.56
C SER F 168 5.38 8.31 0.70
N TYR F 169 6.71 8.35 0.65
CA TYR F 169 7.49 7.21 0.20
C TYR F 169 7.32 6.06 1.18
N GLY F 170 6.85 4.92 0.69
CA GLY F 170 6.75 3.73 1.49
C GLY F 170 7.84 2.74 1.11
N PHE F 171 8.73 2.47 2.05
CA PHE F 171 9.91 1.63 1.82
C PHE F 171 9.81 0.37 2.65
N GLN F 172 9.96 -0.78 2.00
CA GLN F 172 9.94 -2.09 2.63
C GLN F 172 11.14 -2.89 2.18
N PRO F 173 11.54 -3.91 2.95
CA PRO F 173 12.74 -4.68 2.58
C PRO F 173 12.57 -5.54 1.34
N THR F 174 11.34 -5.92 0.97
CA THR F 174 11.13 -6.78 -0.18
C THR F 174 10.93 -6.02 -1.49
N TYR F 175 10.83 -4.69 -1.44
CA TYR F 175 10.60 -3.92 -2.65
C TYR F 175 11.82 -3.95 -3.57
N GLY F 176 11.57 -3.67 -4.84
CA GLY F 176 12.64 -3.66 -5.82
C GLY F 176 13.53 -2.44 -5.69
N VAL F 177 14.68 -2.52 -6.37
CA VAL F 177 15.69 -1.47 -6.29
C VAL F 177 15.12 -0.14 -6.78
N GLY F 178 14.30 -0.18 -7.84
CA GLY F 178 13.68 1.03 -8.34
C GLY F 178 12.78 1.72 -7.35
N TYR F 179 12.37 1.03 -6.28
CA TYR F 179 11.51 1.59 -5.26
C TYR F 179 12.18 1.63 -3.89
N GLN F 180 13.48 1.28 -3.81
CA GLN F 180 14.22 1.26 -2.54
C GLN F 180 14.82 2.63 -2.25
N PRO F 181 15.02 2.96 -0.97
CA PRO F 181 15.53 4.29 -0.62
C PRO F 181 16.98 4.48 -1.04
N TYR F 182 17.29 5.69 -1.47
CA TYR F 182 18.64 6.05 -1.89
C TYR F 182 18.98 7.43 -1.34
N ARG F 183 20.01 7.49 -0.50
CA ARG F 183 20.47 8.76 0.03
C ARG F 183 21.35 9.45 -1.00
N VAL F 184 21.09 10.75 -1.23
CA VAL F 184 21.78 11.52 -2.24
C VAL F 184 22.51 12.67 -1.58
N VAL F 185 23.74 12.93 -2.02
CA VAL F 185 24.53 14.06 -1.56
C VAL F 185 25.00 14.85 -2.77
N VAL F 186 24.54 16.08 -2.89
CA VAL F 186 24.89 16.96 -4.00
C VAL F 186 25.92 17.97 -3.52
N LEU F 187 27.13 17.89 -4.09
CA LEU F 187 28.21 18.80 -3.75
C LEU F 187 28.35 19.83 -4.87
N SER F 188 28.12 21.10 -4.54
CA SER F 188 28.23 22.19 -5.51
C SER F 188 29.54 22.92 -5.29
N PHE F 189 30.39 22.91 -6.32
CA PHE F 189 31.69 23.57 -6.28
C PHE F 189 31.59 24.94 -6.92
N GLU F 190 32.23 25.93 -6.32
CA GLU F 190 32.10 27.31 -6.74
C GLU F 190 33.14 27.66 -7.80
N LEU F 191 33.30 28.96 -8.07
CA LEU F 191 34.18 29.44 -9.12
C LEU F 191 35.59 29.66 -8.59
N LEU F 192 36.56 29.58 -9.51
CA LEU F 192 37.96 29.82 -9.21
C LEU F 192 38.74 29.80 -10.52
N HIS F 193 39.68 30.73 -10.66
CA HIS F 193 40.45 30.87 -11.90
C HIS F 193 41.93 31.00 -11.57
N ALA F 194 42.76 30.24 -12.31
CA ALA F 194 44.21 30.20 -12.15
C ALA F 194 44.61 29.84 -10.73
N PRO F 195 44.39 28.59 -10.29
CA PRO F 195 44.71 28.22 -8.91
C PRO F 195 46.20 28.11 -8.63
N ALA F 196 46.83 29.22 -8.25
CA ALA F 196 48.22 29.18 -7.81
C ALA F 196 48.36 28.81 -6.34
N THR F 197 47.26 28.81 -5.59
CA THR F 197 47.31 28.51 -4.17
C THR F 197 47.58 27.03 -3.92
#